data_2EKK
#
_entry.id   2EKK
#
_entity_poly.entity_id   1
_entity_poly.type   'polypeptide(L)'
_entity_poly.pdbx_seq_one_letter_code
;GSSGSSGVNQQQLQQLMDMGFTREHAMEALLNTSTMEQATEYLLTHP
;
_entity_poly.pdbx_strand_id   A
#
# COMPACT_ATOMS: atom_id res chain seq x y z
N GLY A 1 -18.12 -14.89 -15.95
CA GLY A 1 -18.76 -14.40 -14.74
C GLY A 1 -18.21 -13.03 -14.34
N SER A 2 -18.73 -12.52 -13.23
CA SER A 2 -18.31 -11.22 -12.74
C SER A 2 -16.96 -11.35 -12.03
N SER A 3 -16.10 -10.37 -12.27
CA SER A 3 -14.78 -10.36 -11.67
C SER A 3 -14.13 -8.99 -11.86
N GLY A 4 -13.27 -8.65 -10.90
CA GLY A 4 -12.58 -7.37 -10.95
C GLY A 4 -11.71 -7.17 -9.71
N SER A 5 -11.57 -5.92 -9.30
CA SER A 5 -10.77 -5.59 -8.14
C SER A 5 -11.64 -4.93 -7.07
N SER A 6 -11.44 -5.37 -5.83
CA SER A 6 -12.20 -4.83 -4.71
C SER A 6 -11.25 -4.39 -3.60
N GLY A 7 -11.39 -3.14 -3.20
CA GLY A 7 -10.55 -2.58 -2.15
C GLY A 7 -9.09 -2.54 -2.58
N VAL A 8 -8.22 -2.53 -1.59
CA VAL A 8 -6.78 -2.48 -1.86
C VAL A 8 -6.39 -3.68 -2.72
N ASN A 9 -5.09 -3.96 -2.75
CA ASN A 9 -4.58 -5.07 -3.53
C ASN A 9 -3.46 -5.75 -2.75
N GLN A 10 -3.59 -7.06 -2.62
CA GLN A 10 -2.60 -7.84 -1.90
C GLN A 10 -1.24 -7.72 -2.58
N GLN A 11 -1.26 -7.80 -3.90
CA GLN A 11 -0.03 -7.70 -4.68
C GLN A 11 0.89 -6.64 -4.08
N GLN A 12 0.49 -5.38 -4.25
CA GLN A 12 1.27 -4.27 -3.74
C GLN A 12 1.56 -4.47 -2.24
N LEU A 13 0.49 -4.75 -1.50
CA LEU A 13 0.62 -4.96 -0.07
C LEU A 13 1.78 -5.93 0.20
N GLN A 14 1.58 -7.16 -0.21
CA GLN A 14 2.60 -8.19 -0.03
C GLN A 14 3.94 -7.71 -0.60
N GLN A 15 3.88 -7.20 -1.82
CA GLN A 15 5.07 -6.71 -2.50
C GLN A 15 5.89 -5.86 -1.54
N LEU A 16 5.25 -4.84 -1.01
CA LEU A 16 5.92 -3.94 -0.07
C LEU A 16 6.24 -4.69 1.22
N MET A 17 5.19 -5.23 1.83
CA MET A 17 5.35 -5.97 3.06
C MET A 17 6.57 -6.88 3.01
N ASP A 18 6.86 -7.36 1.81
CA ASP A 18 8.01 -8.23 1.61
C ASP A 18 9.30 -7.46 1.86
N MET A 19 9.36 -6.27 1.27
CA MET A 19 10.53 -5.43 1.43
C MET A 19 10.92 -5.30 2.90
N GLY A 20 9.94 -5.48 3.76
CA GLY A 20 10.17 -5.39 5.20
C GLY A 20 9.44 -4.19 5.80
N PHE A 21 8.11 -4.28 5.79
CA PHE A 21 7.29 -3.22 6.33
C PHE A 21 6.17 -3.79 7.21
N THR A 22 5.30 -2.90 7.65
CA THR A 22 4.19 -3.30 8.50
C THR A 22 2.87 -3.22 7.73
N ARG A 23 2.10 -4.29 7.82
CA ARG A 23 0.82 -4.37 7.14
C ARG A 23 -0.01 -3.11 7.43
N GLU A 24 0.12 -2.63 8.65
CA GLU A 24 -0.61 -1.44 9.07
C GLU A 24 -0.37 -0.31 8.08
N HIS A 25 0.88 0.14 8.01
CA HIS A 25 1.25 1.22 7.11
C HIS A 25 1.02 0.77 5.66
N ALA A 26 1.48 -0.43 5.37
CA ALA A 26 1.34 -0.97 4.03
C ALA A 26 -0.08 -0.72 3.53
N MET A 27 -1.04 -1.27 4.27
CA MET A 27 -2.44 -1.11 3.90
C MET A 27 -2.78 0.37 3.69
N GLU A 28 -2.66 1.14 4.75
CA GLU A 28 -2.95 2.56 4.68
C GLU A 28 -2.26 3.19 3.47
N ALA A 29 -0.99 2.84 3.30
CA ALA A 29 -0.21 3.36 2.19
C ALA A 29 -1.02 3.24 0.90
N LEU A 30 -1.25 2.00 0.49
CA LEU A 30 -2.00 1.73 -0.72
C LEU A 30 -3.30 2.54 -0.69
N LEU A 31 -4.10 2.27 0.32
CA LEU A 31 -5.37 2.98 0.47
C LEU A 31 -5.17 4.46 0.18
N ASN A 32 -4.24 5.06 0.92
CA ASN A 32 -3.94 6.47 0.76
C ASN A 32 -3.52 6.73 -0.69
N THR A 33 -2.50 6.00 -1.11
CA THR A 33 -2.00 6.14 -2.47
C THR A 33 -3.00 5.56 -3.47
N SER A 34 -2.49 5.26 -4.67
CA SER A 34 -3.32 4.71 -5.71
C SER A 34 -2.53 3.69 -6.52
N THR A 35 -1.33 4.09 -6.92
CA THR A 35 -0.47 3.21 -7.69
C THR A 35 0.55 2.51 -6.78
N MET A 36 1.26 1.56 -7.36
CA MET A 36 2.26 0.81 -6.61
C MET A 36 3.40 1.74 -6.14
N GLU A 37 4.01 2.39 -7.11
CA GLU A 37 5.11 3.30 -6.82
C GLU A 37 4.78 4.14 -5.58
N GLN A 38 3.73 4.93 -5.71
CA GLN A 38 3.30 5.78 -4.62
C GLN A 38 3.40 5.04 -3.29
N ALA A 39 2.87 3.82 -3.27
CA ALA A 39 2.90 3.00 -2.07
C ALA A 39 4.31 2.99 -1.51
N THR A 40 5.26 2.58 -2.34
CA THR A 40 6.65 2.51 -1.94
C THR A 40 7.03 3.76 -1.13
N GLU A 41 6.85 4.91 -1.76
CA GLU A 41 7.16 6.17 -1.13
C GLU A 41 6.57 6.21 0.29
N TYR A 42 5.25 6.13 0.35
CA TYR A 42 4.56 6.15 1.62
C TYR A 42 5.31 5.33 2.67
N LEU A 43 5.71 4.13 2.27
CA LEU A 43 6.44 3.24 3.15
C LEU A 43 7.86 3.76 3.35
N LEU A 44 8.46 4.19 2.24
CA LEU A 44 9.81 4.72 2.27
C LEU A 44 9.85 5.93 3.20
N THR A 45 8.70 6.58 3.35
CA THR A 45 8.60 7.74 4.20
C THR A 45 8.25 7.33 5.63
N HIS A 46 8.01 6.04 5.80
CA HIS A 46 7.65 5.52 7.11
C HIS A 46 8.31 4.14 7.29
N PRO A 47 9.63 4.17 7.61
CA PRO A 47 10.38 2.95 7.83
C PRO A 47 10.03 2.31 9.17
N GLY A 1 -5.37 2.36 -10.66
CA GLY A 1 -6.05 1.99 -11.89
C GLY A 1 -7.57 2.06 -11.74
N SER A 2 -8.15 0.94 -11.38
CA SER A 2 -9.60 0.87 -11.20
C SER A 2 -10.01 1.70 -9.98
N SER A 3 -11.17 2.33 -10.10
CA SER A 3 -11.68 3.16 -9.03
C SER A 3 -12.25 2.27 -7.91
N GLY A 4 -11.49 2.17 -6.84
CA GLY A 4 -11.90 1.36 -5.70
C GLY A 4 -11.88 2.19 -4.41
N SER A 5 -12.96 2.93 -4.20
CA SER A 5 -13.08 3.76 -3.02
C SER A 5 -12.54 3.02 -1.80
N SER A 6 -13.13 1.86 -1.53
CA SER A 6 -12.72 1.04 -0.41
C SER A 6 -12.41 -0.38 -0.88
N GLY A 7 -11.11 -0.66 -1.00
CA GLY A 7 -10.68 -1.98 -1.44
C GLY A 7 -9.19 -1.98 -1.76
N VAL A 8 -8.39 -2.15 -0.71
CA VAL A 8 -6.94 -2.17 -0.86
C VAL A 8 -6.55 -3.26 -1.85
N ASN A 9 -5.27 -3.57 -1.87
CA ASN A 9 -4.75 -4.60 -2.77
C ASN A 9 -3.71 -5.44 -2.04
N GLN A 10 -3.72 -6.73 -2.34
CA GLN A 10 -2.78 -7.65 -1.72
C GLN A 10 -1.42 -7.56 -2.40
N GLN A 11 -1.44 -7.63 -3.73
CA GLN A 11 -0.23 -7.56 -4.51
C GLN A 11 0.73 -6.53 -3.90
N GLN A 12 0.38 -5.27 -4.05
CA GLN A 12 1.19 -4.19 -3.53
C GLN A 12 1.52 -4.45 -2.05
N LEU A 13 0.48 -4.73 -1.28
CA LEU A 13 0.65 -4.99 0.13
C LEU A 13 1.80 -5.98 0.33
N GLN A 14 1.57 -7.21 -0.12
CA GLN A 14 2.57 -8.26 0.00
C GLN A 14 3.91 -7.78 -0.59
N GLN A 15 3.82 -7.22 -1.79
CA GLN A 15 5.00 -6.73 -2.47
C GLN A 15 5.85 -5.88 -1.52
N LEU A 16 5.22 -4.85 -0.98
CA LEU A 16 5.90 -3.96 -0.07
C LEU A 16 6.26 -4.72 1.21
N MET A 17 5.24 -5.31 1.82
CA MET A 17 5.43 -6.07 3.03
C MET A 17 6.70 -6.94 2.94
N ASP A 18 6.98 -7.40 1.74
CA ASP A 18 8.15 -8.23 1.51
C ASP A 18 9.41 -7.43 1.80
N MET A 19 9.43 -6.21 1.26
CA MET A 19 10.57 -5.34 1.46
C MET A 19 10.94 -5.24 2.94
N GLY A 20 9.93 -5.40 3.78
CA GLY A 20 10.14 -5.32 5.22
C GLY A 20 9.37 -4.14 5.83
N PHE A 21 8.05 -4.24 5.78
CA PHE A 21 7.20 -3.19 6.31
C PHE A 21 6.07 -3.78 7.17
N THR A 22 5.28 -2.89 7.75
CA THR A 22 4.17 -3.30 8.58
C THR A 22 2.87 -3.28 7.77
N ARG A 23 2.13 -4.37 7.87
CA ARG A 23 0.86 -4.50 7.16
C ARG A 23 0.00 -3.25 7.40
N GLU A 24 0.07 -2.76 8.62
CA GLU A 24 -0.70 -1.57 8.99
C GLU A 24 -0.42 -0.43 8.01
N HIS A 25 0.84 -0.01 7.99
CA HIS A 25 1.26 1.07 7.11
C HIS A 25 0.97 0.68 5.66
N ALA A 26 1.53 -0.46 5.26
CA ALA A 26 1.34 -0.95 3.91
C ALA A 26 -0.11 -0.75 3.49
N MET A 27 -1.01 -1.18 4.36
CA MET A 27 -2.44 -1.06 4.10
C MET A 27 -2.83 0.40 3.86
N GLU A 28 -2.63 1.21 4.89
CA GLU A 28 -2.95 2.63 4.81
C GLU A 28 -2.27 3.26 3.59
N ALA A 29 -1.03 2.85 3.38
CA ALA A 29 -0.26 3.36 2.26
C ALA A 29 -1.06 3.20 0.97
N LEU A 30 -1.21 1.95 0.55
CA LEU A 30 -1.95 1.64 -0.66
C LEU A 30 -3.21 2.51 -0.71
N LEU A 31 -4.10 2.26 0.24
CA LEU A 31 -5.34 3.01 0.32
C LEU A 31 -5.06 4.49 0.06
N ASN A 32 -4.18 5.04 0.87
CA ASN A 32 -3.81 6.44 0.74
C ASN A 32 -3.42 6.73 -0.71
N THR A 33 -2.43 6.00 -1.19
CA THR A 33 -1.96 6.16 -2.54
C THR A 33 -2.95 5.55 -3.53
N SER A 34 -2.50 5.41 -4.77
CA SER A 34 -3.34 4.84 -5.82
C SER A 34 -2.55 3.81 -6.61
N THR A 35 -1.34 4.19 -6.98
CA THR A 35 -0.47 3.31 -7.74
C THR A 35 0.54 2.62 -6.83
N MET A 36 1.24 1.64 -7.39
CA MET A 36 2.22 0.89 -6.64
C MET A 36 3.39 1.80 -6.21
N GLU A 37 4.04 2.37 -7.22
CA GLU A 37 5.18 3.25 -6.96
C GLU A 37 4.89 4.13 -5.74
N GLN A 38 3.77 4.83 -5.80
CA GLN A 38 3.37 5.70 -4.70
C GLN A 38 3.45 4.96 -3.38
N ALA A 39 2.80 3.80 -3.34
CA ALA A 39 2.79 2.99 -2.13
C ALA A 39 4.20 2.98 -1.52
N THR A 40 5.18 2.71 -2.37
CA THR A 40 6.56 2.65 -1.92
C THR A 40 6.90 3.90 -1.11
N GLU A 41 6.83 5.04 -1.78
CA GLU A 41 7.13 6.31 -1.14
C GLU A 41 6.58 6.32 0.29
N TYR A 42 5.26 6.22 0.38
CA TYR A 42 4.59 6.22 1.67
C TYR A 42 5.41 5.44 2.70
N LEU A 43 5.63 4.17 2.39
CA LEU A 43 6.40 3.30 3.28
C LEU A 43 7.81 3.85 3.43
N LEU A 44 8.40 4.21 2.29
CA LEU A 44 9.74 4.75 2.28
C LEU A 44 9.84 5.88 3.31
N THR A 45 8.97 6.87 3.15
CA THR A 45 8.95 8.00 4.05
C THR A 45 8.68 7.55 5.48
N HIS A 46 7.70 6.67 5.61
CA HIS A 46 7.33 6.15 6.91
C HIS A 46 7.46 4.63 6.92
N PRO A 47 8.68 4.14 7.29
CA PRO A 47 8.94 2.72 7.34
C PRO A 47 8.27 2.08 8.55
N GLY A 1 -10.09 14.89 1.23
CA GLY A 1 -11.00 14.01 0.53
C GLY A 1 -10.27 12.84 -0.11
N SER A 2 -10.56 12.63 -1.39
CA SER A 2 -9.93 11.55 -2.14
C SER A 2 -10.32 10.20 -1.53
N SER A 3 -11.44 9.67 -2.02
CA SER A 3 -11.94 8.40 -1.54
C SER A 3 -12.94 7.81 -2.54
N GLY A 4 -12.94 6.50 -2.62
CA GLY A 4 -13.84 5.80 -3.53
C GLY A 4 -14.31 4.47 -2.94
N SER A 5 -13.96 3.40 -3.63
CA SER A 5 -14.33 2.07 -3.18
C SER A 5 -13.44 1.63 -2.01
N SER A 6 -14.02 0.83 -1.13
CA SER A 6 -13.29 0.33 0.02
C SER A 6 -12.60 -0.99 -0.31
N GLY A 7 -11.37 -0.87 -0.79
CA GLY A 7 -10.59 -2.04 -1.15
C GLY A 7 -9.13 -1.66 -1.44
N VAL A 8 -8.28 -2.67 -1.39
CA VAL A 8 -6.86 -2.46 -1.66
C VAL A 8 -6.36 -3.52 -2.63
N ASN A 9 -5.05 -3.61 -2.75
CA ASN A 9 -4.43 -4.58 -3.64
C ASN A 9 -3.37 -5.37 -2.87
N GLN A 10 -3.63 -6.67 -2.73
CA GLN A 10 -2.71 -7.54 -2.02
C GLN A 10 -1.31 -7.45 -2.65
N GLN A 11 -1.29 -7.49 -3.98
CA GLN A 11 -0.04 -7.41 -4.71
C GLN A 11 0.92 -6.43 -4.03
N GLN A 12 0.59 -5.15 -4.16
CA GLN A 12 1.40 -4.10 -3.57
C GLN A 12 1.62 -4.38 -2.08
N LEU A 13 0.51 -4.58 -1.38
CA LEU A 13 0.56 -4.86 0.04
C LEU A 13 1.66 -5.89 0.33
N GLN A 14 1.42 -7.10 -0.17
CA GLN A 14 2.38 -8.18 0.02
C GLN A 14 3.76 -7.77 -0.51
N GLN A 15 3.77 -7.28 -1.74
CA GLN A 15 5.00 -6.86 -2.37
C GLN A 15 5.84 -6.04 -1.38
N LEU A 16 5.24 -4.96 -0.91
CA LEU A 16 5.92 -4.08 0.04
C LEU A 16 6.23 -4.86 1.31
N MET A 17 5.19 -5.46 1.88
CA MET A 17 5.35 -6.24 3.10
C MET A 17 6.60 -7.13 3.03
N ASP A 18 6.92 -7.54 1.81
CA ASP A 18 8.08 -8.39 1.58
C ASP A 18 9.36 -7.60 1.90
N MET A 19 9.45 -6.43 1.28
CA MET A 19 10.60 -5.57 1.47
C MET A 19 10.97 -5.48 2.95
N GLY A 20 9.95 -5.49 3.79
CA GLY A 20 10.15 -5.40 5.23
C GLY A 20 9.43 -4.19 5.82
N PHE A 21 8.11 -4.22 5.73
CA PHE A 21 7.30 -3.13 6.25
C PHE A 21 6.14 -3.66 7.10
N THR A 22 5.45 -2.74 7.74
CA THR A 22 4.32 -3.09 8.58
C THR A 22 3.03 -3.08 7.77
N ARG A 23 2.27 -4.17 7.90
CA ARG A 23 1.02 -4.29 7.18
C ARG A 23 0.18 -3.03 7.35
N GLU A 24 0.01 -2.62 8.60
CA GLU A 24 -0.76 -1.44 8.91
C GLU A 24 -0.46 -0.33 7.90
N HIS A 25 0.81 0.10 7.91
CA HIS A 25 1.24 1.15 7.01
C HIS A 25 1.05 0.70 5.56
N ALA A 26 1.43 -0.56 5.31
CA ALA A 26 1.30 -1.12 3.98
C ALA A 26 -0.13 -0.90 3.46
N MET A 27 -1.08 -1.29 4.30
CA MET A 27 -2.48 -1.15 3.95
C MET A 27 -2.84 0.32 3.72
N GLU A 28 -2.59 1.13 4.74
CA GLU A 28 -2.89 2.55 4.66
C GLU A 28 -2.19 3.16 3.44
N ALA A 29 -0.95 2.75 3.23
CA ALA A 29 -0.17 3.25 2.11
C ALA A 29 -1.01 3.17 0.83
N LEU A 30 -1.24 1.95 0.38
CA LEU A 30 -2.03 1.72 -0.81
C LEU A 30 -3.32 2.55 -0.74
N LEU A 31 -4.11 2.24 0.27
CA LEU A 31 -5.37 2.95 0.46
C LEU A 31 -5.17 4.44 0.18
N ASN A 32 -4.28 5.03 0.97
CA ASN A 32 -3.98 6.46 0.81
C ASN A 32 -3.58 6.73 -0.63
N THR A 33 -2.59 5.97 -1.10
CA THR A 33 -2.11 6.13 -2.46
C THR A 33 -3.08 5.51 -3.45
N SER A 34 -2.58 5.23 -4.64
CA SER A 34 -3.40 4.64 -5.68
C SER A 34 -2.57 3.66 -6.51
N THR A 35 -1.38 4.10 -6.89
CA THR A 35 -0.49 3.28 -7.68
C THR A 35 0.57 2.62 -6.77
N MET A 36 1.36 1.75 -7.39
CA MET A 36 2.40 1.05 -6.66
C MET A 36 3.53 2.01 -6.26
N GLU A 37 4.10 2.66 -7.27
CA GLU A 37 5.18 3.60 -7.03
C GLU A 37 4.90 4.43 -5.78
N GLN A 38 3.69 4.96 -5.71
CA GLN A 38 3.29 5.77 -4.58
C GLN A 38 3.41 4.97 -3.29
N ALA A 39 2.82 3.79 -3.29
CA ALA A 39 2.88 2.92 -2.13
C ALA A 39 4.28 2.94 -1.53
N THR A 40 5.26 2.76 -2.41
CA THR A 40 6.65 2.76 -1.99
C THR A 40 6.96 4.01 -1.16
N GLU A 41 6.86 5.15 -1.82
CA GLU A 41 7.12 6.42 -1.16
C GLU A 41 6.56 6.41 0.26
N TYR A 42 5.24 6.28 0.34
CA TYR A 42 4.57 6.25 1.63
C TYR A 42 5.39 5.49 2.66
N LEU A 43 5.77 4.27 2.29
CA LEU A 43 6.57 3.44 3.18
C LEU A 43 7.99 4.00 3.28
N LEU A 44 8.62 4.11 2.12
CA LEU A 44 9.98 4.63 2.06
C LEU A 44 10.11 5.82 3.02
N THR A 45 9.15 6.72 2.91
CA THR A 45 9.14 7.90 3.76
C THR A 45 8.95 7.51 5.23
N HIS A 46 7.88 6.76 5.47
CA HIS A 46 7.56 6.32 6.81
C HIS A 46 7.67 4.79 6.87
N PRO A 47 8.89 4.31 7.23
CA PRO A 47 9.14 2.88 7.33
C PRO A 47 8.51 2.31 8.61
N GLY A 1 -18.89 7.47 -10.40
CA GLY A 1 -19.17 6.15 -9.86
C GLY A 1 -20.09 6.24 -8.64
N SER A 2 -19.65 5.61 -7.56
CA SER A 2 -20.41 5.60 -6.32
C SER A 2 -19.50 5.30 -5.15
N SER A 3 -19.16 6.34 -4.41
CA SER A 3 -18.30 6.21 -3.25
C SER A 3 -18.90 5.19 -2.27
N GLY A 4 -18.02 4.58 -1.48
CA GLY A 4 -18.45 3.61 -0.50
C GLY A 4 -17.27 2.73 -0.06
N SER A 5 -16.85 1.86 -0.97
CA SER A 5 -15.73 0.96 -0.69
C SER A 5 -14.86 0.81 -1.93
N SER A 6 -13.55 0.95 -1.71
CA SER A 6 -12.60 0.83 -2.80
C SER A 6 -11.98 -0.56 -2.80
N GLY A 7 -11.37 -0.91 -1.68
CA GLY A 7 -10.74 -2.21 -1.54
C GLY A 7 -9.26 -2.14 -1.91
N VAL A 8 -8.42 -2.30 -0.91
CA VAL A 8 -6.97 -2.25 -1.11
C VAL A 8 -6.57 -3.38 -2.08
N ASN A 9 -5.27 -3.62 -2.13
CA ASN A 9 -4.75 -4.66 -3.01
C ASN A 9 -3.70 -5.47 -2.25
N GLN A 10 -3.69 -6.77 -2.51
CA GLN A 10 -2.74 -7.66 -1.87
C GLN A 10 -1.38 -7.58 -2.55
N GLN A 11 -1.40 -7.66 -3.87
CA GLN A 11 -0.18 -7.59 -4.66
C GLN A 11 0.78 -6.56 -4.05
N GLN A 12 0.42 -5.30 -4.21
CA GLN A 12 1.24 -4.22 -3.68
C GLN A 12 1.50 -4.43 -2.19
N LEU A 13 0.42 -4.63 -1.46
CA LEU A 13 0.52 -4.85 -0.03
C LEU A 13 1.65 -5.84 0.26
N GLN A 14 1.45 -7.06 -0.20
CA GLN A 14 2.44 -8.11 0.01
C GLN A 14 3.80 -7.67 -0.55
N GLN A 15 3.78 -7.24 -1.80
CA GLN A 15 4.99 -6.79 -2.46
C GLN A 15 5.84 -5.96 -1.51
N LEU A 16 5.24 -4.90 -0.99
CA LEU A 16 5.92 -4.02 -0.07
C LEU A 16 6.28 -4.80 1.20
N MET A 17 5.26 -5.39 1.81
CA MET A 17 5.45 -6.17 3.02
C MET A 17 6.73 -7.02 2.93
N ASP A 18 7.02 -7.45 1.71
CA ASP A 18 8.20 -8.27 1.47
C ASP A 18 9.45 -7.43 1.78
N MET A 19 9.50 -6.25 1.20
CA MET A 19 10.63 -5.36 1.39
C MET A 19 11.00 -5.27 2.87
N GLY A 20 9.99 -5.44 3.71
CA GLY A 20 10.20 -5.36 5.15
C GLY A 20 9.43 -4.19 5.76
N PHE A 21 8.11 -4.30 5.76
CA PHE A 21 7.26 -3.26 6.30
C PHE A 21 6.09 -3.85 7.09
N THR A 22 5.39 -2.98 7.79
CA THR A 22 4.25 -3.40 8.58
C THR A 22 2.96 -3.26 7.78
N ARG A 23 2.18 -4.33 7.77
CA ARG A 23 0.92 -4.32 7.05
C ARG A 23 0.09 -3.10 7.42
N GLU A 24 0.18 -2.72 8.69
CA GLU A 24 -0.55 -1.57 9.18
C GLU A 24 -0.41 -0.39 8.21
N HIS A 25 0.83 0.07 8.08
CA HIS A 25 1.11 1.20 7.20
C HIS A 25 0.87 0.78 5.75
N ALA A 26 1.47 -0.35 5.38
CA ALA A 26 1.33 -0.87 4.04
C ALA A 26 -0.12 -0.69 3.58
N MET A 27 -1.03 -1.15 4.42
CA MET A 27 -2.45 -1.05 4.12
C MET A 27 -2.86 0.40 3.85
N GLU A 28 -2.78 1.21 4.91
CA GLU A 28 -3.13 2.61 4.79
C GLU A 28 -2.41 3.25 3.60
N ALA A 29 -1.16 2.85 3.42
CA ALA A 29 -0.36 3.37 2.32
C ALA A 29 -1.13 3.24 1.02
N LEU A 30 -1.28 2.01 0.57
CA LEU A 30 -2.00 1.73 -0.67
C LEU A 30 -3.28 2.56 -0.69
N LEU A 31 -4.15 2.28 0.28
CA LEU A 31 -5.41 2.99 0.38
C LEU A 31 -5.19 4.47 0.06
N ASN A 32 -4.29 5.07 0.83
CA ASN A 32 -3.98 6.48 0.64
C ASN A 32 -3.55 6.71 -0.81
N THR A 33 -2.53 5.98 -1.22
CA THR A 33 -2.00 6.10 -2.56
C THR A 33 -2.99 5.51 -3.57
N SER A 34 -2.50 5.25 -4.77
CA SER A 34 -3.33 4.69 -5.82
C SER A 34 -2.52 3.66 -6.63
N THR A 35 -1.33 4.07 -7.02
CA THR A 35 -0.46 3.19 -7.80
C THR A 35 0.47 2.40 -6.87
N MET A 36 1.35 1.63 -7.47
CA MET A 36 2.30 0.83 -6.72
C MET A 36 3.46 1.67 -6.21
N GLU A 37 4.11 2.35 -7.16
CA GLU A 37 5.24 3.20 -6.82
C GLU A 37 4.91 4.08 -5.61
N GLN A 38 3.88 4.88 -5.76
CA GLN A 38 3.45 5.77 -4.69
C GLN A 38 3.55 5.05 -3.34
N ALA A 39 2.90 3.90 -3.27
CA ALA A 39 2.91 3.11 -2.05
C ALA A 39 4.32 3.10 -1.46
N THR A 40 5.27 2.72 -2.29
CA THR A 40 6.66 2.66 -1.87
C THR A 40 7.01 3.88 -1.02
N GLU A 41 6.82 5.05 -1.61
CA GLU A 41 7.10 6.29 -0.92
C GLU A 41 6.45 6.30 0.46
N TYR A 42 5.14 6.21 0.46
CA TYR A 42 4.39 6.20 1.71
C TYR A 42 5.13 5.41 2.79
N LEU A 43 5.70 4.29 2.36
CA LEU A 43 6.45 3.45 3.29
C LEU A 43 7.84 4.03 3.51
N LEU A 44 8.51 4.30 2.40
CA LEU A 44 9.85 4.86 2.46
C LEU A 44 9.86 6.05 3.42
N THR A 45 8.81 6.86 3.32
CA THR A 45 8.69 8.03 4.17
C THR A 45 8.39 7.61 5.61
N HIS A 46 7.59 6.57 5.74
CA HIS A 46 7.23 6.06 7.05
C HIS A 46 7.67 4.60 7.18
N PRO A 47 8.92 4.42 7.68
CA PRO A 47 9.47 3.09 7.86
C PRO A 47 8.86 2.40 9.07
N GLY A 1 -23.10 -3.79 -10.84
CA GLY A 1 -23.25 -5.20 -10.50
C GLY A 1 -21.89 -5.83 -10.15
N SER A 2 -21.61 -5.87 -8.85
CA SER A 2 -20.36 -6.44 -8.38
C SER A 2 -20.56 -7.04 -6.98
N SER A 3 -21.13 -8.23 -6.96
CA SER A 3 -21.38 -8.93 -5.71
C SER A 3 -20.16 -9.75 -5.31
N GLY A 4 -19.20 -9.06 -4.69
CA GLY A 4 -17.98 -9.71 -4.25
C GLY A 4 -17.22 -8.83 -3.26
N SER A 5 -16.01 -8.43 -3.68
CA SER A 5 -15.17 -7.59 -2.85
C SER A 5 -14.08 -6.94 -3.70
N SER A 6 -13.94 -5.64 -3.54
CA SER A 6 -12.94 -4.89 -4.28
C SER A 6 -12.53 -3.64 -3.50
N GLY A 7 -11.57 -3.82 -2.62
CA GLY A 7 -11.08 -2.71 -1.80
C GLY A 7 -9.64 -2.35 -2.18
N VAL A 8 -8.71 -2.92 -1.43
CA VAL A 8 -7.30 -2.66 -1.68
C VAL A 8 -6.72 -3.79 -2.53
N ASN A 9 -5.40 -3.79 -2.64
CA ASN A 9 -4.71 -4.80 -3.43
C ASN A 9 -3.63 -5.46 -2.57
N GLN A 10 -3.69 -6.78 -2.50
CA GLN A 10 -2.72 -7.53 -1.73
C GLN A 10 -1.35 -7.51 -2.42
N GLN A 11 -1.40 -7.59 -3.73
CA GLN A 11 -0.17 -7.57 -4.52
C GLN A 11 0.84 -6.59 -3.92
N GLN A 12 0.54 -5.31 -4.08
CA GLN A 12 1.40 -4.27 -3.56
C GLN A 12 1.70 -4.51 -2.07
N LEU A 13 0.64 -4.67 -1.30
CA LEU A 13 0.77 -4.91 0.12
C LEU A 13 1.91 -5.91 0.36
N GLN A 14 1.68 -7.13 -0.12
CA GLN A 14 2.68 -8.18 0.03
C GLN A 14 4.02 -7.74 -0.58
N GLN A 15 3.93 -7.25 -1.80
CA GLN A 15 5.13 -6.81 -2.51
C GLN A 15 5.95 -5.89 -1.61
N LEU A 16 5.28 -4.93 -1.01
CA LEU A 16 5.95 -3.98 -0.13
C LEU A 16 6.31 -4.69 1.18
N MET A 17 5.30 -5.28 1.80
CA MET A 17 5.49 -5.99 3.05
C MET A 17 6.73 -6.88 2.99
N ASP A 18 7.01 -7.37 1.79
CA ASP A 18 8.16 -8.23 1.58
C ASP A 18 9.44 -7.44 1.85
N MET A 19 9.51 -6.26 1.25
CA MET A 19 10.68 -5.41 1.42
C MET A 19 11.03 -5.25 2.90
N GLY A 20 10.00 -5.34 3.74
CA GLY A 20 10.19 -5.22 5.17
C GLY A 20 9.38 -4.05 5.73
N PHE A 21 8.07 -4.27 5.80
CA PHE A 21 7.17 -3.24 6.31
C PHE A 21 6.08 -3.87 7.19
N THR A 22 5.12 -3.03 7.55
CA THR A 22 4.03 -3.48 8.40
C THR A 22 2.70 -3.32 7.67
N ARG A 23 1.90 -4.37 7.72
CA ARG A 23 0.59 -4.37 7.07
C ARG A 23 -0.14 -3.06 7.37
N GLU A 24 -0.12 -2.68 8.63
CA GLU A 24 -0.78 -1.45 9.06
C GLU A 24 -0.48 -0.32 8.07
N HIS A 25 0.79 0.01 7.95
CA HIS A 25 1.22 1.06 7.05
C HIS A 25 0.91 0.65 5.61
N ALA A 26 1.44 -0.50 5.23
CA ALA A 26 1.23 -1.01 3.88
C ALA A 26 -0.22 -0.75 3.46
N MET A 27 -1.13 -1.20 4.30
CA MET A 27 -2.54 -1.03 4.03
C MET A 27 -2.88 0.45 3.80
N GLU A 28 -2.63 1.25 4.83
CA GLU A 28 -2.90 2.68 4.75
C GLU A 28 -2.23 3.28 3.51
N ALA A 29 -0.99 2.86 3.29
CA ALA A 29 -0.24 3.35 2.15
C ALA A 29 -1.10 3.22 0.88
N LEU A 30 -1.31 1.98 0.48
CA LEU A 30 -2.10 1.71 -0.71
C LEU A 30 -3.36 2.58 -0.70
N LEU A 31 -4.14 2.41 0.36
CA LEU A 31 -5.36 3.18 0.51
C LEU A 31 -5.07 4.65 0.23
N ASN A 32 -4.17 5.21 1.02
CA ASN A 32 -3.80 6.60 0.87
C ASN A 32 -3.41 6.87 -0.59
N THR A 33 -2.43 6.12 -1.05
CA THR A 33 -1.95 6.26 -2.42
C THR A 33 -2.99 5.72 -3.40
N SER A 34 -2.49 5.18 -4.50
CA SER A 34 -3.36 4.63 -5.53
C SER A 34 -2.58 3.61 -6.38
N THR A 35 -1.38 4.01 -6.75
CA THR A 35 -0.53 3.16 -7.57
C THR A 35 0.55 2.50 -6.71
N MET A 36 1.26 1.56 -7.32
CA MET A 36 2.32 0.85 -6.62
C MET A 36 3.46 1.80 -6.24
N GLU A 37 4.03 2.42 -7.25
CA GLU A 37 5.13 3.36 -7.04
C GLU A 37 4.87 4.20 -5.79
N GLN A 38 3.71 4.85 -5.78
CA GLN A 38 3.34 5.69 -4.66
C GLN A 38 3.44 4.90 -3.35
N ALA A 39 2.82 3.73 -3.35
CA ALA A 39 2.83 2.88 -2.18
C ALA A 39 4.25 2.81 -1.61
N THR A 40 5.18 2.51 -2.50
CA THR A 40 6.57 2.41 -2.10
C THR A 40 7.00 3.65 -1.31
N GLU A 41 6.84 4.81 -1.94
CA GLU A 41 7.20 6.06 -1.31
C GLU A 41 6.64 6.12 0.12
N TYR A 42 5.32 6.05 0.20
CA TYR A 42 4.66 6.09 1.50
C TYR A 42 5.44 5.28 2.54
N LEU A 43 5.62 4.00 2.23
CA LEU A 43 6.34 3.11 3.12
C LEU A 43 7.78 3.61 3.28
N LEU A 44 8.45 3.76 2.16
CA LEU A 44 9.82 4.22 2.16
C LEU A 44 9.96 5.40 3.13
N THR A 45 9.12 6.40 2.93
CA THR A 45 9.14 7.57 3.77
C THR A 45 8.79 7.19 5.21
N HIS A 46 7.71 6.46 5.36
CA HIS A 46 7.26 6.02 6.67
C HIS A 46 7.32 4.50 6.75
N PRO A 47 8.50 3.99 7.20
CA PRO A 47 8.70 2.55 7.32
C PRO A 47 7.97 2.00 8.55
N GLY A 1 -16.31 9.96 -8.79
CA GLY A 1 -17.67 9.96 -8.26
C GLY A 1 -18.33 8.59 -8.46
N SER A 2 -18.61 7.93 -7.35
CA SER A 2 -19.24 6.63 -7.38
C SER A 2 -18.29 5.61 -8.02
N SER A 3 -17.32 5.17 -7.23
CA SER A 3 -16.35 4.20 -7.70
C SER A 3 -15.69 3.50 -6.52
N GLY A 4 -16.40 2.55 -5.95
CA GLY A 4 -15.89 1.80 -4.80
C GLY A 4 -16.09 0.30 -5.01
N SER A 5 -15.00 -0.44 -4.80
CA SER A 5 -15.03 -1.88 -4.95
C SER A 5 -13.66 -2.47 -4.62
N SER A 6 -13.69 -3.66 -4.04
CA SER A 6 -12.46 -4.34 -3.68
C SER A 6 -11.74 -3.56 -2.58
N GLY A 7 -11.10 -2.48 -3.00
CA GLY A 7 -10.38 -1.63 -2.06
C GLY A 7 -8.88 -1.58 -2.42
N VAL A 8 -8.10 -2.31 -1.64
CA VAL A 8 -6.67 -2.35 -1.86
C VAL A 8 -6.34 -3.54 -2.77
N ASN A 9 -5.04 -3.82 -2.88
CA ASN A 9 -4.58 -4.92 -3.71
C ASN A 9 -3.48 -5.69 -2.97
N GLN A 10 -3.84 -6.88 -2.51
CA GLN A 10 -2.91 -7.72 -1.79
C GLN A 10 -1.54 -7.70 -2.48
N GLN A 11 -1.58 -7.81 -3.80
CA GLN A 11 -0.36 -7.81 -4.59
C GLN A 11 0.63 -6.79 -4.02
N GLN A 12 0.32 -5.52 -4.23
CA GLN A 12 1.18 -4.45 -3.75
C GLN A 12 1.50 -4.65 -2.27
N LEU A 13 0.44 -4.87 -1.50
CA LEU A 13 0.59 -5.08 -0.07
C LEU A 13 1.75 -6.04 0.19
N GLN A 14 1.65 -7.21 -0.43
CA GLN A 14 2.67 -8.23 -0.29
C GLN A 14 4.02 -7.71 -0.80
N GLN A 15 3.97 -7.12 -1.99
CA GLN A 15 5.17 -6.58 -2.61
C GLN A 15 5.95 -5.75 -1.59
N LEU A 16 5.25 -4.81 -0.97
CA LEU A 16 5.87 -3.95 0.02
C LEU A 16 6.18 -4.76 1.27
N MET A 17 5.12 -5.31 1.86
CA MET A 17 5.27 -6.12 3.06
C MET A 17 6.51 -6.99 3.00
N ASP A 18 6.81 -7.45 1.78
CA ASP A 18 7.97 -8.29 1.57
C ASP A 18 9.24 -7.50 1.85
N MET A 19 9.32 -6.32 1.26
CA MET A 19 10.47 -5.45 1.45
C MET A 19 10.85 -5.36 2.93
N GLY A 20 9.85 -5.54 3.78
CA GLY A 20 10.07 -5.48 5.21
C GLY A 20 9.35 -4.27 5.83
N PHE A 21 8.04 -4.31 5.76
CA PHE A 21 7.22 -3.24 6.31
C PHE A 21 6.08 -3.80 7.17
N THR A 22 5.36 -2.88 7.78
CA THR A 22 4.23 -3.26 8.64
C THR A 22 2.92 -3.17 7.85
N ARG A 23 2.16 -4.26 7.92
CA ARG A 23 0.88 -4.31 7.23
C ARG A 23 0.11 -3.00 7.41
N GLU A 24 -0.02 -2.59 8.67
CA GLU A 24 -0.71 -1.35 8.99
C GLU A 24 -0.38 -0.28 7.96
N HIS A 25 0.87 0.17 7.99
CA HIS A 25 1.31 1.19 7.07
C HIS A 25 1.05 0.75 5.63
N ALA A 26 1.54 -0.44 5.31
CA ALA A 26 1.36 -0.99 3.98
C ALA A 26 -0.06 -0.72 3.51
N MET A 27 -1.01 -1.25 4.27
CA MET A 27 -2.41 -1.09 3.94
C MET A 27 -2.76 0.39 3.75
N GLU A 28 -2.60 1.14 4.83
CA GLU A 28 -2.89 2.57 4.78
C GLU A 28 -2.24 3.21 3.56
N ALA A 29 -1.00 2.82 3.32
CA ALA A 29 -0.26 3.35 2.17
C ALA A 29 -1.14 3.30 0.93
N LEU A 30 -1.34 2.08 0.44
CA LEU A 30 -2.15 1.87 -0.74
C LEU A 30 -3.44 2.70 -0.62
N LEU A 31 -4.17 2.45 0.46
CA LEU A 31 -5.41 3.15 0.70
C LEU A 31 -5.20 4.65 0.49
N ASN A 32 -4.06 5.13 0.98
CA ASN A 32 -3.73 6.54 0.85
C ASN A 32 -3.43 6.84 -0.63
N THR A 33 -2.60 6.01 -1.22
CA THR A 33 -2.22 6.18 -2.61
C THR A 33 -3.14 5.34 -3.51
N SER A 34 -2.54 4.81 -4.57
CA SER A 34 -3.29 4.00 -5.52
C SER A 34 -2.32 3.13 -6.34
N THR A 35 -1.25 3.76 -6.78
CA THR A 35 -0.24 3.07 -7.57
C THR A 35 0.83 2.48 -6.67
N MET A 36 1.57 1.52 -7.22
CA MET A 36 2.63 0.87 -6.47
C MET A 36 3.74 1.87 -6.10
N GLU A 37 4.21 2.57 -7.12
CA GLU A 37 5.26 3.55 -6.93
C GLU A 37 4.91 4.48 -5.76
N GLN A 38 3.71 5.03 -5.81
CA GLN A 38 3.25 5.93 -4.77
C GLN A 38 3.25 5.22 -3.41
N ALA A 39 2.80 3.97 -3.43
CA ALA A 39 2.76 3.19 -2.21
C ALA A 39 4.15 3.10 -1.61
N THR A 40 5.11 2.77 -2.46
CA THR A 40 6.49 2.66 -2.03
C THR A 40 6.92 3.90 -1.24
N GLU A 41 6.80 5.05 -1.91
CA GLU A 41 7.17 6.31 -1.28
C GLU A 41 6.65 6.36 0.16
N TYR A 42 5.33 6.28 0.28
CA TYR A 42 4.71 6.32 1.59
C TYR A 42 5.52 5.55 2.61
N LEU A 43 5.69 4.26 2.33
CA LEU A 43 6.44 3.39 3.22
C LEU A 43 7.87 3.93 3.36
N LEU A 44 8.45 4.28 2.23
CA LEU A 44 9.80 4.81 2.20
C LEU A 44 9.91 5.98 3.18
N THR A 45 9.05 6.96 2.95
CA THR A 45 9.02 8.14 3.80
C THR A 45 8.75 7.75 5.26
N HIS A 46 7.77 6.88 5.42
CA HIS A 46 7.41 6.42 6.75
C HIS A 46 7.51 4.89 6.81
N PRO A 47 8.71 4.42 7.21
CA PRO A 47 8.95 2.99 7.31
C PRO A 47 8.28 2.41 8.55
N GLY A 1 -26.32 6.03 -4.95
CA GLY A 1 -25.73 4.70 -5.00
C GLY A 1 -24.23 4.77 -5.28
N SER A 2 -23.49 3.88 -4.64
CA SER A 2 -22.05 3.82 -4.82
C SER A 2 -21.50 2.55 -4.19
N SER A 3 -20.84 1.76 -5.04
CA SER A 3 -20.25 0.50 -4.58
C SER A 3 -19.01 0.18 -5.41
N GLY A 4 -17.86 0.58 -4.89
CA GLY A 4 -16.60 0.35 -5.58
C GLY A 4 -15.44 1.02 -4.84
N SER A 5 -14.24 0.55 -5.14
CA SER A 5 -13.04 1.10 -4.52
C SER A 5 -13.09 0.85 -3.01
N SER A 6 -12.58 -0.30 -2.60
CA SER A 6 -12.55 -0.66 -1.19
C SER A 6 -11.42 -1.66 -0.94
N GLY A 7 -11.49 -2.79 -1.62
CA GLY A 7 -10.49 -3.82 -1.47
C GLY A 7 -9.15 -3.39 -2.08
N VAL A 8 -8.17 -3.22 -1.20
CA VAL A 8 -6.85 -2.80 -1.63
C VAL A 8 -6.29 -3.82 -2.62
N ASN A 9 -5.00 -3.72 -2.86
CA ASN A 9 -4.33 -4.62 -3.79
C ASN A 9 -3.29 -5.45 -3.03
N GLN A 10 -3.67 -6.67 -2.69
CA GLN A 10 -2.79 -7.57 -1.96
C GLN A 10 -1.38 -7.51 -2.56
N GLN A 11 -1.33 -7.56 -3.88
CA GLN A 11 -0.06 -7.53 -4.59
C GLN A 11 0.89 -6.53 -3.92
N GLN A 12 0.59 -5.26 -4.09
CA GLN A 12 1.39 -4.21 -3.50
C GLN A 12 1.66 -4.50 -2.03
N LEU A 13 0.58 -4.76 -1.30
CA LEU A 13 0.67 -5.05 0.12
C LEU A 13 1.78 -6.09 0.34
N GLN A 14 1.60 -7.24 -0.27
CA GLN A 14 2.57 -8.32 -0.14
C GLN A 14 3.93 -7.87 -0.68
N GLN A 15 3.90 -7.25 -1.86
CA GLN A 15 5.11 -6.77 -2.49
C GLN A 15 5.92 -5.91 -1.50
N LEU A 16 5.23 -4.95 -0.91
CA LEU A 16 5.86 -4.07 0.05
C LEU A 16 6.20 -4.85 1.32
N MET A 17 5.20 -5.53 1.85
CA MET A 17 5.38 -6.32 3.06
C MET A 17 6.65 -7.15 2.99
N ASP A 18 6.98 -7.57 1.77
CA ASP A 18 8.18 -8.37 1.55
C ASP A 18 9.41 -7.52 1.84
N MET A 19 9.45 -6.36 1.20
CA MET A 19 10.57 -5.44 1.38
C MET A 19 10.95 -5.33 2.86
N GLY A 20 9.94 -5.43 3.71
CA GLY A 20 10.15 -5.33 5.14
C GLY A 20 9.38 -4.15 5.73
N PHE A 21 8.06 -4.25 5.67
CA PHE A 21 7.20 -3.22 6.19
C PHE A 21 6.04 -3.82 6.99
N THR A 22 5.28 -2.94 7.63
CA THR A 22 4.16 -3.37 8.43
C THR A 22 2.86 -3.28 7.61
N ARG A 23 2.02 -4.29 7.77
CA ARG A 23 0.77 -4.34 7.06
C ARG A 23 -0.05 -3.09 7.33
N GLU A 24 0.01 -2.63 8.56
CA GLU A 24 -0.72 -1.44 8.97
C GLU A 24 -0.43 -0.30 8.00
N HIS A 25 0.83 0.14 7.99
CA HIS A 25 1.24 1.22 7.12
C HIS A 25 1.02 0.83 5.66
N ALA A 26 1.50 -0.36 5.32
CA ALA A 26 1.36 -0.87 3.96
C ALA A 26 -0.08 -0.63 3.49
N MET A 27 -1.02 -1.14 4.27
CA MET A 27 -2.43 -0.99 3.94
C MET A 27 -2.79 0.48 3.73
N GLU A 28 -2.59 1.26 4.79
CA GLU A 28 -2.89 2.68 4.73
C GLU A 28 -2.22 3.33 3.51
N ALA A 29 -0.99 2.89 3.26
CA ALA A 29 -0.24 3.41 2.13
C ALA A 29 -1.07 3.28 0.85
N LEU A 30 -1.23 2.04 0.41
CA LEU A 30 -2.00 1.77 -0.79
C LEU A 30 -3.29 2.59 -0.76
N LEU A 31 -4.10 2.32 0.25
CA LEU A 31 -5.37 3.02 0.41
C LEU A 31 -5.16 4.51 0.14
N ASN A 32 -4.28 5.10 0.95
CA ASN A 32 -3.98 6.52 0.81
C ASN A 32 -3.65 6.82 -0.65
N THR A 33 -2.62 6.13 -1.14
CA THR A 33 -2.19 6.32 -2.52
C THR A 33 -3.17 5.66 -3.49
N SER A 34 -2.62 5.06 -4.53
CA SER A 34 -3.43 4.39 -5.53
C SER A 34 -2.58 3.41 -6.34
N THR A 35 -1.40 3.89 -6.72
CA THR A 35 -0.48 3.06 -7.50
C THR A 35 0.55 2.42 -6.57
N MET A 36 1.38 1.57 -7.17
CA MET A 36 2.42 0.89 -6.42
C MET A 36 3.58 1.84 -6.09
N GLU A 37 4.12 2.43 -7.15
CA GLU A 37 5.24 3.36 -6.98
C GLU A 37 4.99 4.28 -5.78
N GLN A 38 3.83 4.91 -5.79
CA GLN A 38 3.47 5.82 -4.71
C GLN A 38 3.54 5.08 -3.36
N ALA A 39 2.80 3.99 -3.29
CA ALA A 39 2.76 3.20 -2.07
C ALA A 39 4.18 3.11 -1.48
N THR A 40 5.13 2.80 -2.35
CA THR A 40 6.51 2.68 -1.93
C THR A 40 6.94 3.91 -1.12
N GLU A 41 6.77 5.07 -1.74
CA GLU A 41 7.13 6.32 -1.10
C GLU A 41 6.58 6.36 0.33
N TYR A 42 5.25 6.29 0.41
CA TYR A 42 4.59 6.32 1.71
C TYR A 42 5.38 5.52 2.75
N LEU A 43 5.65 4.27 2.41
CA LEU A 43 6.39 3.39 3.30
C LEU A 43 7.81 3.95 3.47
N LEU A 44 8.52 4.01 2.36
CA LEU A 44 9.88 4.52 2.37
C LEU A 44 9.97 5.73 3.30
N THR A 45 9.11 6.69 3.04
CA THR A 45 9.07 7.91 3.85
C THR A 45 8.81 7.57 5.31
N HIS A 46 7.71 6.85 5.52
CA HIS A 46 7.33 6.46 6.87
C HIS A 46 7.37 4.93 7.00
N PRO A 47 8.56 4.42 7.40
CA PRO A 47 8.74 2.98 7.55
C PRO A 47 8.06 2.48 8.82
N GLY A 1 -10.59 2.19 -13.46
CA GLY A 1 -10.82 3.55 -12.98
C GLY A 1 -12.17 3.65 -12.27
N SER A 2 -13.22 3.59 -13.07
CA SER A 2 -14.57 3.68 -12.53
C SER A 2 -15.20 2.28 -12.46
N SER A 3 -16.26 2.19 -11.66
CA SER A 3 -16.96 0.92 -11.50
C SER A 3 -16.02 -0.11 -10.88
N GLY A 4 -16.37 -0.53 -9.67
CA GLY A 4 -15.56 -1.52 -8.97
C GLY A 4 -15.26 -1.07 -7.54
N SER A 5 -15.48 -1.98 -6.61
CA SER A 5 -15.22 -1.70 -5.20
C SER A 5 -14.46 -2.85 -4.56
N SER A 6 -13.15 -2.66 -4.47
CA SER A 6 -12.29 -3.67 -3.87
C SER A 6 -11.68 -3.14 -2.58
N GLY A 7 -11.06 -1.98 -2.69
CA GLY A 7 -10.43 -1.35 -1.54
C GLY A 7 -8.92 -1.19 -1.76
N VAL A 8 -8.21 -2.31 -1.60
CA VAL A 8 -6.78 -2.30 -1.78
C VAL A 8 -6.38 -3.47 -2.68
N ASN A 9 -5.08 -3.74 -2.70
CA ASN A 9 -4.56 -4.84 -3.51
C ASN A 9 -3.47 -5.58 -2.72
N GLN A 10 -3.68 -6.88 -2.58
CA GLN A 10 -2.73 -7.71 -1.85
C GLN A 10 -1.35 -7.64 -2.51
N GLN A 11 -1.35 -7.72 -3.83
CA GLN A 11 -0.11 -7.66 -4.58
C GLN A 11 0.84 -6.65 -3.96
N GLN A 12 0.51 -5.37 -4.13
CA GLN A 12 1.32 -4.31 -3.59
C GLN A 12 1.58 -4.53 -2.10
N LEU A 13 0.50 -4.78 -1.38
CA LEU A 13 0.59 -5.01 0.05
C LEU A 13 1.71 -6.01 0.33
N GLN A 14 1.55 -7.21 -0.21
CA GLN A 14 2.53 -8.25 -0.03
C GLN A 14 3.89 -7.80 -0.57
N GLN A 15 3.86 -7.24 -1.77
CA GLN A 15 5.08 -6.77 -2.41
C GLN A 15 5.88 -5.90 -1.44
N LEU A 16 5.24 -4.83 -0.99
CA LEU A 16 5.88 -3.92 -0.06
C LEU A 16 6.23 -4.67 1.22
N MET A 17 5.22 -5.29 1.81
CA MET A 17 5.41 -6.05 3.04
C MET A 17 6.66 -6.94 2.94
N ASP A 18 6.94 -7.39 1.73
CA ASP A 18 8.09 -8.25 1.50
C ASP A 18 9.36 -7.46 1.77
N MET A 19 9.40 -6.24 1.25
CA MET A 19 10.56 -5.39 1.43
C MET A 19 10.92 -5.26 2.92
N GLY A 20 9.90 -5.43 3.75
CA GLY A 20 10.09 -5.33 5.19
C GLY A 20 9.35 -4.13 5.76
N PHE A 21 8.02 -4.24 5.79
CA PHE A 21 7.19 -3.18 6.31
C PHE A 21 6.05 -3.73 7.15
N THR A 22 5.29 -2.83 7.75
CA THR A 22 4.16 -3.22 8.59
C THR A 22 2.87 -3.23 7.77
N ARG A 23 2.12 -4.31 7.93
CA ARG A 23 0.86 -4.47 7.21
C ARG A 23 0.00 -3.22 7.40
N GLU A 24 0.00 -2.71 8.64
CA GLU A 24 -0.78 -1.53 8.96
C GLU A 24 -0.46 -0.40 7.97
N HIS A 25 0.81 -0.01 7.96
CA HIS A 25 1.26 1.05 7.07
C HIS A 25 1.03 0.64 5.61
N ALA A 26 1.44 -0.59 5.32
CA ALA A 26 1.29 -1.12 3.97
C ALA A 26 -0.13 -0.85 3.47
N MET A 27 -1.09 -1.24 4.31
CA MET A 27 -2.49 -1.05 3.97
C MET A 27 -2.81 0.43 3.74
N GLU A 28 -2.56 1.22 4.78
CA GLU A 28 -2.81 2.65 4.70
C GLU A 28 -2.09 3.25 3.49
N ALA A 29 -0.90 2.74 3.24
CA ALA A 29 -0.10 3.21 2.11
C ALA A 29 -0.95 3.17 0.84
N LEU A 30 -1.20 1.96 0.37
CA LEU A 30 -1.99 1.77 -0.83
C LEU A 30 -3.27 2.60 -0.73
N LEU A 31 -4.01 2.36 0.34
CA LEU A 31 -5.25 3.07 0.57
C LEU A 31 -5.04 4.56 0.26
N ASN A 32 -4.10 5.16 0.98
CA ASN A 32 -3.81 6.57 0.80
C ASN A 32 -3.42 6.82 -0.66
N THR A 33 -2.45 6.04 -1.13
CA THR A 33 -1.99 6.17 -2.50
C THR A 33 -2.99 5.54 -3.46
N SER A 34 -2.50 5.19 -4.64
CA SER A 34 -3.33 4.57 -5.65
C SER A 34 -2.52 3.55 -6.45
N THR A 35 -1.37 3.99 -6.92
CA THR A 35 -0.50 3.13 -7.69
C THR A 35 0.53 2.44 -6.78
N MET A 36 1.29 1.55 -7.38
CA MET A 36 2.32 0.81 -6.63
C MET A 36 3.43 1.76 -6.17
N GLU A 37 4.07 2.40 -7.14
CA GLU A 37 5.15 3.32 -6.84
C GLU A 37 4.79 4.18 -5.63
N GLN A 38 3.76 4.99 -5.80
CA GLN A 38 3.31 5.86 -4.74
C GLN A 38 3.38 5.15 -3.38
N ALA A 39 2.78 3.96 -3.37
CA ALA A 39 2.77 3.16 -2.14
C ALA A 39 4.17 3.15 -1.52
N THR A 40 5.14 2.76 -2.33
CA THR A 40 6.52 2.70 -1.87
C THR A 40 6.87 3.98 -1.10
N GLU A 41 6.63 5.10 -1.76
CA GLU A 41 6.92 6.40 -1.14
C GLU A 41 6.41 6.42 0.30
N TYR A 42 5.10 6.25 0.42
CA TYR A 42 4.47 6.25 1.74
C TYR A 42 5.32 5.50 2.76
N LEU A 43 5.59 4.25 2.43
CA LEU A 43 6.39 3.41 3.32
C LEU A 43 7.80 3.98 3.41
N LEU A 44 8.45 4.09 2.26
CA LEU A 44 9.80 4.62 2.21
C LEU A 44 9.91 5.83 3.14
N THR A 45 8.98 6.76 2.97
CA THR A 45 8.95 7.96 3.79
C THR A 45 8.69 7.61 5.25
N HIS A 46 7.65 6.81 5.46
CA HIS A 46 7.29 6.39 6.80
C HIS A 46 7.36 4.86 6.90
N PRO A 47 8.57 4.38 7.30
CA PRO A 47 8.78 2.95 7.44
C PRO A 47 8.12 2.41 8.70
N GLY A 1 -16.02 14.91 -9.88
CA GLY A 1 -17.24 14.20 -10.21
C GLY A 1 -17.67 13.28 -9.06
N SER A 2 -16.80 12.34 -8.74
CA SER A 2 -17.07 11.39 -7.67
C SER A 2 -15.76 10.77 -7.17
N SER A 3 -15.59 10.79 -5.85
CA SER A 3 -14.41 10.23 -5.24
C SER A 3 -14.78 9.03 -4.37
N GLY A 4 -13.96 8.00 -4.46
CA GLY A 4 -14.19 6.79 -3.69
C GLY A 4 -13.25 5.66 -4.14
N SER A 5 -13.14 4.65 -3.29
CA SER A 5 -12.29 3.52 -3.59
C SER A 5 -12.47 2.43 -2.52
N SER A 6 -12.47 1.19 -2.97
CA SER A 6 -12.63 0.06 -2.07
C SER A 6 -11.88 -1.16 -2.62
N GLY A 7 -11.35 -1.95 -1.70
CA GLY A 7 -10.62 -3.15 -2.08
C GLY A 7 -9.19 -2.80 -2.53
N VAL A 8 -8.28 -2.86 -1.58
CA VAL A 8 -6.88 -2.56 -1.87
C VAL A 8 -6.32 -3.62 -2.83
N ASN A 9 -5.00 -3.65 -2.92
CA ASN A 9 -4.33 -4.60 -3.79
C ASN A 9 -3.32 -5.40 -2.97
N GLN A 10 -3.57 -6.70 -2.87
CA GLN A 10 -2.70 -7.58 -2.12
C GLN A 10 -1.27 -7.51 -2.68
N GLN A 11 -1.18 -7.57 -4.00
CA GLN A 11 0.10 -7.52 -4.67
C GLN A 11 1.02 -6.52 -3.98
N GLN A 12 0.70 -5.25 -4.15
CA GLN A 12 1.49 -4.18 -3.54
C GLN A 12 1.70 -4.45 -2.06
N LEU A 13 0.60 -4.73 -1.38
CA LEU A 13 0.65 -5.01 0.05
C LEU A 13 1.74 -6.05 0.32
N GLN A 14 1.54 -7.23 -0.24
CA GLN A 14 2.49 -8.31 -0.07
C GLN A 14 3.87 -7.89 -0.56
N GLN A 15 3.89 -7.30 -1.76
CA GLN A 15 5.14 -6.84 -2.34
C GLN A 15 5.92 -5.99 -1.34
N LEU A 16 5.27 -4.92 -0.89
CA LEU A 16 5.91 -4.03 0.07
C LEU A 16 6.20 -4.80 1.37
N MET A 17 5.17 -5.43 1.90
CA MET A 17 5.31 -6.19 3.12
C MET A 17 6.54 -7.09 3.07
N ASP A 18 6.88 -7.50 1.85
CA ASP A 18 8.04 -8.37 1.65
C ASP A 18 9.31 -7.56 1.91
N MET A 19 9.37 -6.38 1.29
CA MET A 19 10.52 -5.52 1.44
C MET A 19 10.91 -5.38 2.91
N GLY A 20 9.91 -5.46 3.78
CA GLY A 20 10.15 -5.34 5.20
C GLY A 20 9.40 -4.14 5.78
N PHE A 21 8.07 -4.22 5.72
CA PHE A 21 7.24 -3.15 6.23
C PHE A 21 6.10 -3.70 7.10
N THR A 22 5.38 -2.79 7.73
CA THR A 22 4.27 -3.18 8.58
C THR A 22 2.96 -3.15 7.79
N ARG A 23 2.23 -4.26 7.90
CA ARG A 23 0.96 -4.38 7.21
C ARG A 23 0.14 -3.10 7.37
N GLU A 24 -0.07 -2.72 8.62
CA GLU A 24 -0.83 -1.52 8.91
C GLU A 24 -0.50 -0.41 7.92
N HIS A 25 0.75 0.04 7.98
CA HIS A 25 1.21 1.10 7.09
C HIS A 25 1.00 0.66 5.63
N ALA A 26 1.46 -0.54 5.34
CA ALA A 26 1.32 -1.09 3.99
C ALA A 26 -0.09 -0.81 3.48
N MET A 27 -1.06 -1.30 4.23
CA MET A 27 -2.46 -1.11 3.86
C MET A 27 -2.79 0.37 3.68
N GLU A 28 -2.42 1.15 4.69
CA GLU A 28 -2.67 2.58 4.65
C GLU A 28 -2.01 3.21 3.41
N ALA A 29 -0.81 2.75 3.13
CA ALA A 29 -0.07 3.25 1.98
C ALA A 29 -0.95 3.17 0.74
N LEU A 30 -1.17 1.96 0.27
CA LEU A 30 -2.00 1.74 -0.91
C LEU A 30 -3.26 2.60 -0.80
N LEU A 31 -4.03 2.33 0.24
CA LEU A 31 -5.27 3.07 0.46
C LEU A 31 -5.03 4.55 0.18
N ASN A 32 -4.15 5.14 0.99
CA ASN A 32 -3.82 6.54 0.84
C ASN A 32 -3.47 6.83 -0.63
N THR A 33 -2.46 6.12 -1.10
CA THR A 33 -2.02 6.28 -2.48
C THR A 33 -3.04 5.67 -3.45
N SER A 34 -2.53 5.22 -4.59
CA SER A 34 -3.38 4.62 -5.60
C SER A 34 -2.59 3.61 -6.42
N THR A 35 -1.40 4.03 -6.82
CA THR A 35 -0.52 3.17 -7.61
C THR A 35 0.53 2.51 -6.71
N MET A 36 1.33 1.65 -7.34
CA MET A 36 2.37 0.94 -6.61
C MET A 36 3.50 1.89 -6.22
N GLU A 37 4.02 2.59 -7.22
CA GLU A 37 5.10 3.52 -7.00
C GLU A 37 4.81 4.39 -5.76
N GLN A 38 3.63 4.98 -5.78
CA GLN A 38 3.22 5.85 -4.68
C GLN A 38 3.31 5.09 -3.35
N ALA A 39 2.61 3.97 -3.29
CA ALA A 39 2.61 3.15 -2.10
C ALA A 39 4.02 3.09 -1.52
N THR A 40 4.97 2.78 -2.39
CA THR A 40 6.37 2.69 -1.98
C THR A 40 6.76 3.92 -1.16
N GLU A 41 6.60 5.08 -1.80
CA GLU A 41 6.94 6.33 -1.14
C GLU A 41 6.42 6.35 0.30
N TYR A 42 5.10 6.25 0.41
CA TYR A 42 4.47 6.25 1.73
C TYR A 42 5.30 5.47 2.74
N LEU A 43 5.59 4.23 2.38
CA LEU A 43 6.37 3.36 3.24
C LEU A 43 7.80 3.92 3.35
N LEU A 44 8.38 4.19 2.20
CA LEU A 44 9.74 4.73 2.15
C LEU A 44 9.87 5.87 3.17
N THR A 45 9.00 6.85 3.01
CA THR A 45 9.00 8.01 3.91
C THR A 45 8.69 7.57 5.34
N HIS A 46 7.61 6.80 5.46
CA HIS A 46 7.19 6.30 6.77
C HIS A 46 7.28 4.78 6.79
N PRO A 47 8.48 4.29 7.23
CA PRO A 47 8.70 2.86 7.31
C PRO A 47 7.98 2.25 8.50
N GLY A 1 -14.66 11.93 -13.26
CA GLY A 1 -14.90 12.24 -11.87
C GLY A 1 -13.70 11.83 -11.00
N SER A 2 -13.18 12.80 -10.26
CA SER A 2 -12.05 12.54 -9.39
C SER A 2 -12.45 11.57 -8.28
N SER A 3 -12.13 10.29 -8.51
CA SER A 3 -12.45 9.26 -7.54
C SER A 3 -11.18 8.50 -7.15
N GLY A 4 -11.20 7.97 -5.94
CA GLY A 4 -10.07 7.21 -5.44
C GLY A 4 -10.41 5.73 -5.29
N SER A 5 -9.44 4.89 -5.67
CA SER A 5 -9.63 3.45 -5.60
C SER A 5 -9.90 3.03 -4.15
N SER A 6 -11.17 2.83 -3.85
CA SER A 6 -11.58 2.43 -2.52
C SER A 6 -11.40 0.91 -2.35
N GLY A 7 -10.19 0.53 -1.99
CA GLY A 7 -9.88 -0.88 -1.80
C GLY A 7 -8.39 -1.15 -2.02
N VAL A 8 -7.73 -1.57 -0.95
CA VAL A 8 -6.30 -1.86 -1.01
C VAL A 8 -6.06 -2.96 -2.06
N ASN A 9 -4.86 -3.51 -2.01
CA ASN A 9 -4.50 -4.57 -2.94
C ASN A 9 -3.47 -5.48 -2.27
N GLN A 10 -3.70 -6.78 -2.41
CA GLN A 10 -2.81 -7.77 -1.83
C GLN A 10 -1.44 -7.72 -2.52
N GLN A 11 -1.47 -7.74 -3.84
CA GLN A 11 -0.26 -7.69 -4.63
C GLN A 11 0.71 -6.66 -4.06
N GLN A 12 0.35 -5.40 -4.25
CA GLN A 12 1.18 -4.30 -3.76
C GLN A 12 1.49 -4.50 -2.28
N LEU A 13 0.44 -4.77 -1.51
CA LEU A 13 0.58 -4.99 -0.09
C LEU A 13 1.74 -5.95 0.17
N GLN A 14 1.58 -7.16 -0.35
CA GLN A 14 2.60 -8.18 -0.18
C GLN A 14 3.94 -7.69 -0.74
N GLN A 15 3.87 -7.11 -1.94
CA GLN A 15 5.06 -6.60 -2.59
C GLN A 15 5.91 -5.78 -1.60
N LEU A 16 5.26 -4.80 -1.00
CA LEU A 16 5.92 -3.94 -0.04
C LEU A 16 6.24 -4.74 1.22
N MET A 17 5.19 -5.31 1.80
CA MET A 17 5.34 -6.11 3.01
C MET A 17 6.57 -7.03 2.91
N ASP A 18 6.90 -7.38 1.67
CA ASP A 18 8.04 -8.25 1.43
C ASP A 18 9.32 -7.49 1.76
N MET A 19 9.40 -6.28 1.25
CA MET A 19 10.58 -5.44 1.49
C MET A 19 10.94 -5.40 2.98
N GLY A 20 9.91 -5.50 3.80
CA GLY A 20 10.09 -5.48 5.24
C GLY A 20 9.40 -4.27 5.86
N PHE A 21 8.07 -4.28 5.82
CA PHE A 21 7.29 -3.21 6.38
C PHE A 21 6.12 -3.74 7.19
N THR A 22 5.42 -2.82 7.85
CA THR A 22 4.28 -3.18 8.68
C THR A 22 2.99 -3.14 7.85
N ARG A 23 2.24 -4.24 7.94
CA ARG A 23 0.99 -4.33 7.20
C ARG A 23 0.13 -3.10 7.45
N GLU A 24 0.17 -2.63 8.68
CA GLU A 24 -0.61 -1.46 9.07
C GLU A 24 -0.38 -0.32 8.07
N HIS A 25 0.85 0.17 8.05
CA HIS A 25 1.22 1.25 7.15
C HIS A 25 0.96 0.82 5.71
N ALA A 26 1.49 -0.35 5.37
CA ALA A 26 1.34 -0.89 4.04
C ALA A 26 -0.11 -0.67 3.57
N MET A 27 -1.03 -1.21 4.35
CA MET A 27 -2.45 -1.08 4.03
C MET A 27 -2.83 0.38 3.77
N GLU A 28 -2.70 1.18 4.82
CA GLU A 28 -3.03 2.59 4.72
C GLU A 28 -2.33 3.22 3.50
N ALA A 29 -1.08 2.83 3.32
CA ALA A 29 -0.29 3.33 2.21
C ALA A 29 -1.11 3.24 0.93
N LEU A 30 -1.31 2.01 0.48
CA LEU A 30 -2.07 1.77 -0.74
C LEU A 30 -3.36 2.59 -0.69
N LEU A 31 -4.19 2.28 0.30
CA LEU A 31 -5.45 2.97 0.47
C LEU A 31 -5.25 4.47 0.20
N ASN A 32 -4.29 5.04 0.90
CA ASN A 32 -3.98 6.45 0.74
C ASN A 32 -3.56 6.72 -0.70
N THR A 33 -2.53 6.00 -1.13
CA THR A 33 -2.02 6.15 -2.48
C THR A 33 -3.02 5.57 -3.49
N SER A 34 -2.48 5.17 -4.63
CA SER A 34 -3.30 4.60 -5.69
C SER A 34 -2.48 3.61 -6.52
N THR A 35 -1.28 4.05 -6.88
CA THR A 35 -0.39 3.22 -7.67
C THR A 35 0.63 2.52 -6.77
N MET A 36 1.37 1.59 -7.36
CA MET A 36 2.37 0.84 -6.62
C MET A 36 3.53 1.75 -6.20
N GLU A 37 4.13 2.39 -7.20
CA GLU A 37 5.25 3.29 -6.95
C GLU A 37 4.96 4.17 -5.73
N GLN A 38 3.77 4.77 -5.75
CA GLN A 38 3.36 5.65 -4.66
C GLN A 38 3.48 4.92 -3.33
N ALA A 39 2.82 3.78 -3.25
CA ALA A 39 2.84 2.97 -2.02
C ALA A 39 4.27 2.98 -1.45
N THR A 40 5.22 2.69 -2.32
CA THR A 40 6.61 2.64 -1.92
C THR A 40 6.97 3.90 -1.13
N GLU A 41 6.75 5.04 -1.75
CA GLU A 41 7.05 6.32 -1.12
C GLU A 41 6.49 6.34 0.30
N TYR A 42 5.17 6.22 0.39
CA TYR A 42 4.51 6.23 1.68
C TYR A 42 5.33 5.49 2.73
N LEU A 43 5.78 4.30 2.35
CA LEU A 43 6.57 3.48 3.24
C LEU A 43 7.98 4.07 3.36
N LEU A 44 8.56 4.37 2.20
CA LEU A 44 9.89 4.94 2.16
C LEU A 44 9.97 6.13 3.12
N THR A 45 9.06 7.08 2.91
CA THR A 45 9.01 8.26 3.75
C THR A 45 8.78 7.88 5.21
N HIS A 46 7.73 7.09 5.42
CA HIS A 46 7.39 6.65 6.76
C HIS A 46 7.49 5.12 6.84
N PRO A 47 8.71 4.65 7.21
CA PRO A 47 8.95 3.22 7.32
C PRO A 47 8.30 2.65 8.59
N GLY A 1 -10.84 -8.35 -4.83
CA GLY A 1 -11.32 -8.95 -3.59
C GLY A 1 -12.36 -8.06 -2.92
N SER A 2 -11.89 -6.93 -2.43
CA SER A 2 -12.76 -5.98 -1.75
C SER A 2 -13.44 -5.07 -2.77
N SER A 3 -14.70 -4.76 -2.50
CA SER A 3 -15.46 -3.90 -3.39
C SER A 3 -16.52 -3.14 -2.59
N GLY A 4 -16.20 -1.89 -2.29
CA GLY A 4 -17.11 -1.05 -1.55
C GLY A 4 -16.53 0.36 -1.34
N SER A 5 -16.69 0.86 -0.12
CA SER A 5 -16.18 2.19 0.20
C SER A 5 -14.75 2.33 -0.29
N SER A 6 -13.89 1.44 0.19
CA SER A 6 -12.49 1.46 -0.18
C SER A 6 -11.96 0.03 -0.33
N GLY A 7 -11.04 -0.13 -1.26
CA GLY A 7 -10.45 -1.44 -1.51
C GLY A 7 -8.96 -1.32 -1.82
N VAL A 8 -8.17 -2.11 -1.09
CA VAL A 8 -6.73 -2.11 -1.28
C VAL A 8 -6.34 -3.16 -2.31
N ASN A 9 -5.06 -3.44 -2.38
CA ASN A 9 -4.54 -4.43 -3.31
C ASN A 9 -3.51 -5.30 -2.61
N GLN A 10 -3.88 -6.56 -2.41
CA GLN A 10 -3.00 -7.50 -1.75
C GLN A 10 -1.63 -7.53 -2.44
N GLN A 11 -1.67 -7.61 -3.76
CA GLN A 11 -0.45 -7.64 -4.54
C GLN A 11 0.58 -6.65 -3.95
N GLN A 12 0.30 -5.37 -4.15
CA GLN A 12 1.18 -4.34 -3.65
C GLN A 12 1.48 -4.56 -2.16
N LEU A 13 0.41 -4.73 -1.40
CA LEU A 13 0.54 -4.95 0.03
C LEU A 13 1.66 -5.97 0.27
N GLN A 14 1.47 -7.15 -0.28
CA GLN A 14 2.46 -8.22 -0.12
C GLN A 14 3.82 -7.75 -0.62
N GLN A 15 3.81 -7.13 -1.80
CA GLN A 15 5.03 -6.63 -2.40
C GLN A 15 5.85 -5.85 -1.38
N LEU A 16 5.24 -4.79 -0.87
CA LEU A 16 5.89 -3.94 0.11
C LEU A 16 6.19 -4.76 1.36
N MET A 17 5.16 -5.44 1.86
CA MET A 17 5.30 -6.26 3.05
C MET A 17 6.55 -7.12 2.97
N ASP A 18 6.93 -7.46 1.74
CA ASP A 18 8.10 -8.28 1.51
C ASP A 18 9.35 -7.47 1.80
N MET A 19 9.40 -6.29 1.21
CA MET A 19 10.54 -5.39 1.40
C MET A 19 10.93 -5.32 2.88
N GLY A 20 9.93 -5.45 3.73
CA GLY A 20 10.15 -5.40 5.17
C GLY A 20 9.44 -4.21 5.79
N PHE A 21 8.12 -4.22 5.66
CA PHE A 21 7.31 -3.15 6.21
C PHE A 21 6.16 -3.70 7.06
N THR A 22 5.43 -2.79 7.69
CA THR A 22 4.31 -3.18 8.53
C THR A 22 3.01 -3.19 7.72
N ARG A 23 2.22 -4.22 7.95
CA ARG A 23 0.95 -4.36 7.25
C ARG A 23 0.10 -3.09 7.43
N GLU A 24 -0.03 -2.70 8.69
CA GLU A 24 -0.81 -1.52 9.02
C GLU A 24 -0.51 -0.39 8.02
N HIS A 25 0.71 0.11 8.09
CA HIS A 25 1.15 1.18 7.21
C HIS A 25 0.95 0.76 5.75
N ALA A 26 1.45 -0.43 5.45
CA ALA A 26 1.34 -0.97 4.10
C ALA A 26 -0.08 -0.74 3.59
N MET A 27 -1.04 -1.27 4.33
CA MET A 27 -2.43 -1.14 3.95
C MET A 27 -2.80 0.33 3.71
N GLU A 28 -2.54 1.14 4.73
CA GLU A 28 -2.83 2.57 4.64
C GLU A 28 -2.13 3.17 3.42
N ALA A 29 -0.90 2.73 3.20
CA ALA A 29 -0.11 3.22 2.08
C ALA A 29 -0.95 3.14 0.80
N LEU A 30 -1.17 1.92 0.35
CA LEU A 30 -1.95 1.68 -0.85
C LEU A 30 -3.25 2.49 -0.77
N LEU A 31 -4.01 2.22 0.27
CA LEU A 31 -5.27 2.91 0.48
C LEU A 31 -5.09 4.40 0.18
N ASN A 32 -4.17 5.01 0.92
CA ASN A 32 -3.89 6.43 0.74
C ASN A 32 -3.49 6.70 -0.71
N THR A 33 -2.44 5.99 -1.14
CA THR A 33 -1.95 6.13 -2.50
C THR A 33 -2.95 5.54 -3.49
N SER A 34 -2.47 5.29 -4.69
CA SER A 34 -3.31 4.73 -5.74
C SER A 34 -2.53 3.66 -6.52
N THR A 35 -1.33 4.04 -6.94
CA THR A 35 -0.48 3.12 -7.69
C THR A 35 0.51 2.43 -6.76
N MET A 36 1.34 1.58 -7.36
CA MET A 36 2.33 0.85 -6.59
C MET A 36 3.46 1.77 -6.14
N GLU A 37 4.09 2.41 -7.12
CA GLU A 37 5.18 3.33 -6.83
C GLU A 37 4.85 4.20 -5.62
N GLN A 38 3.81 5.00 -5.79
CA GLN A 38 3.38 5.89 -4.72
C GLN A 38 3.44 5.16 -3.37
N ALA A 39 2.79 4.01 -3.32
CA ALA A 39 2.76 3.21 -2.10
C ALA A 39 4.15 3.20 -1.48
N THR A 40 5.13 2.84 -2.30
CA THR A 40 6.51 2.77 -1.84
C THR A 40 6.86 4.03 -1.04
N GLU A 41 6.64 5.18 -1.67
CA GLU A 41 6.93 6.45 -1.03
C GLU A 41 6.38 6.47 0.39
N TYR A 42 5.07 6.33 0.49
CA TYR A 42 4.40 6.33 1.79
C TYR A 42 5.24 5.58 2.82
N LEU A 43 5.54 4.33 2.50
CA LEU A 43 6.34 3.50 3.39
C LEU A 43 7.74 4.09 3.52
N LEU A 44 8.36 4.34 2.38
CA LEU A 44 9.69 4.90 2.35
C LEU A 44 9.78 6.05 3.36
N THR A 45 8.83 6.97 3.25
CA THR A 45 8.79 8.11 4.14
C THR A 45 8.49 7.67 5.57
N HIS A 46 7.43 6.88 5.69
CA HIS A 46 7.02 6.38 7.00
C HIS A 46 7.17 4.86 7.03
N PRO A 47 8.38 4.41 7.44
CA PRO A 47 8.66 2.98 7.52
C PRO A 47 7.98 2.35 8.74
N GLY A 1 -11.82 -5.34 -13.39
CA GLY A 1 -12.48 -4.04 -13.38
C GLY A 1 -12.53 -3.47 -11.96
N SER A 2 -12.18 -2.19 -11.86
CA SER A 2 -12.19 -1.52 -10.57
C SER A 2 -13.37 -0.55 -10.49
N SER A 3 -14.26 -0.83 -9.55
CA SER A 3 -15.43 0.00 -9.37
C SER A 3 -15.63 0.30 -7.87
N GLY A 4 -15.71 1.59 -7.57
CA GLY A 4 -15.89 2.01 -6.19
C GLY A 4 -15.32 3.41 -5.97
N SER A 5 -14.21 3.45 -5.23
CA SER A 5 -13.55 4.71 -4.94
C SER A 5 -12.13 4.45 -4.45
N SER A 6 -12.03 3.71 -3.36
CA SER A 6 -10.75 3.38 -2.78
C SER A 6 -10.69 1.90 -2.42
N GLY A 7 -9.48 1.35 -2.48
CA GLY A 7 -9.28 -0.06 -2.16
C GLY A 7 -7.81 -0.46 -2.32
N VAL A 8 -7.38 -1.34 -1.44
CA VAL A 8 -6.01 -1.81 -1.48
C VAL A 8 -5.90 -3.01 -2.43
N ASN A 9 -4.74 -3.65 -2.40
CA ASN A 9 -4.50 -4.80 -3.24
C ASN A 9 -3.40 -5.67 -2.62
N GLN A 10 -3.78 -6.88 -2.26
CA GLN A 10 -2.84 -7.82 -1.66
C GLN A 10 -1.51 -7.79 -2.41
N GLN A 11 -1.61 -7.84 -3.72
CA GLN A 11 -0.43 -7.84 -4.57
C GLN A 11 0.60 -6.85 -4.02
N GLN A 12 0.30 -5.58 -4.17
CA GLN A 12 1.19 -4.53 -3.69
C GLN A 12 1.52 -4.74 -2.21
N LEU A 13 0.47 -4.89 -1.43
CA LEU A 13 0.64 -5.11 0.01
C LEU A 13 1.74 -6.14 0.23
N GLN A 14 1.72 -7.18 -0.57
CA GLN A 14 2.71 -8.24 -0.47
C GLN A 14 4.10 -7.69 -0.79
N GLN A 15 4.24 -7.18 -2.01
CA GLN A 15 5.50 -6.62 -2.45
C GLN A 15 6.09 -5.72 -1.36
N LEU A 16 5.23 -4.90 -0.79
CA LEU A 16 5.66 -3.99 0.26
C LEU A 16 6.07 -4.80 1.50
N MET A 17 5.11 -5.58 1.99
CA MET A 17 5.35 -6.40 3.17
C MET A 17 6.67 -7.18 3.03
N ASP A 18 6.99 -7.52 1.80
CA ASP A 18 8.21 -8.26 1.52
C ASP A 18 9.42 -7.36 1.80
N MET A 19 9.42 -6.20 1.17
CA MET A 19 10.50 -5.25 1.35
C MET A 19 10.90 -5.14 2.82
N GLY A 20 9.93 -5.41 3.68
CA GLY A 20 10.17 -5.34 5.11
C GLY A 20 9.42 -4.17 5.75
N PHE A 21 8.10 -4.30 5.77
CA PHE A 21 7.26 -3.27 6.34
C PHE A 21 6.14 -3.87 7.19
N THR A 22 5.23 -3.01 7.62
CA THR A 22 4.11 -3.44 8.43
C THR A 22 2.80 -3.30 7.65
N ARG A 23 1.99 -4.35 7.74
CA ARG A 23 0.71 -4.37 7.05
C ARG A 23 -0.07 -3.09 7.35
N GLU A 24 0.03 -2.64 8.60
CA GLU A 24 -0.65 -1.44 9.03
C GLU A 24 -0.39 -0.31 8.04
N HIS A 25 0.87 0.11 7.98
CA HIS A 25 1.26 1.18 7.08
C HIS A 25 1.00 0.77 5.64
N ALA A 26 1.56 -0.38 5.27
CA ALA A 26 1.39 -0.90 3.92
C ALA A 26 -0.05 -0.68 3.46
N MET A 27 -0.98 -1.09 4.32
CA MET A 27 -2.39 -0.94 4.03
C MET A 27 -2.75 0.53 3.77
N GLU A 28 -2.57 1.34 4.80
CA GLU A 28 -2.86 2.76 4.71
C GLU A 28 -2.16 3.36 3.50
N ALA A 29 -0.93 2.92 3.28
CA ALA A 29 -0.14 3.41 2.16
C ALA A 29 -0.97 3.33 0.88
N LEU A 30 -1.18 2.09 0.43
CA LEU A 30 -1.96 1.86 -0.77
C LEU A 30 -3.25 2.69 -0.72
N LEU A 31 -4.06 2.38 0.28
CA LEU A 31 -5.32 3.09 0.46
C LEU A 31 -5.12 4.57 0.17
N ASN A 32 -4.16 5.15 0.89
CA ASN A 32 -3.85 6.56 0.73
C ASN A 32 -3.47 6.82 -0.73
N THR A 33 -2.48 6.08 -1.20
CA THR A 33 -2.01 6.23 -2.57
C THR A 33 -3.01 5.60 -3.55
N SER A 34 -2.53 5.35 -4.75
CA SER A 34 -3.37 4.75 -5.78
C SER A 34 -2.59 3.67 -6.53
N THR A 35 -1.37 4.02 -6.90
CA THR A 35 -0.51 3.08 -7.62
C THR A 35 0.50 2.43 -6.67
N MET A 36 1.19 1.43 -7.18
CA MET A 36 2.18 0.72 -6.39
C MET A 36 3.32 1.66 -5.98
N GLU A 37 3.97 2.23 -6.98
CA GLU A 37 5.08 3.14 -6.74
C GLU A 37 4.77 4.05 -5.55
N GLN A 38 3.69 4.80 -5.68
CA GLN A 38 3.27 5.71 -4.63
C GLN A 38 3.34 5.01 -3.27
N ALA A 39 2.75 3.83 -3.22
CA ALA A 39 2.74 3.05 -1.98
C ALA A 39 4.16 3.04 -1.39
N THR A 40 5.12 2.82 -2.26
CA THR A 40 6.52 2.77 -1.83
C THR A 40 6.87 4.04 -1.05
N GLU A 41 6.73 5.17 -1.74
CA GLU A 41 7.04 6.45 -1.13
C GLU A 41 6.50 6.51 0.30
N TYR A 42 5.18 6.36 0.41
CA TYR A 42 4.54 6.39 1.71
C TYR A 42 5.37 5.63 2.75
N LEU A 43 5.69 4.40 2.41
CA LEU A 43 6.48 3.56 3.31
C LEU A 43 7.90 4.12 3.41
N LEU A 44 8.43 4.52 2.26
CA LEU A 44 9.77 5.08 2.22
C LEU A 44 9.86 6.26 3.19
N THR A 45 8.87 7.13 3.10
CA THR A 45 8.83 8.29 3.97
C THR A 45 8.62 7.87 5.43
N HIS A 46 7.87 6.79 5.60
CA HIS A 46 7.59 6.28 6.93
C HIS A 46 7.68 4.76 6.91
N PRO A 47 8.91 4.26 7.21
CA PRO A 47 9.15 2.82 7.25
C PRO A 47 8.55 2.19 8.50
N GLY A 1 -27.09 2.49 -3.04
CA GLY A 1 -26.19 3.17 -2.11
C GLY A 1 -25.69 2.22 -1.03
N SER A 2 -24.47 2.48 -0.58
CA SER A 2 -23.86 1.65 0.45
C SER A 2 -22.86 2.47 1.26
N SER A 3 -22.80 2.18 2.54
CA SER A 3 -21.89 2.88 3.43
C SER A 3 -20.48 2.27 3.34
N GLY A 4 -19.48 3.13 3.42
CA GLY A 4 -18.10 2.69 3.34
C GLY A 4 -17.75 2.24 1.92
N SER A 5 -16.49 2.47 1.57
CA SER A 5 -16.01 2.09 0.25
C SER A 5 -14.48 1.99 0.27
N SER A 6 -14.00 0.75 0.35
CA SER A 6 -12.58 0.50 0.38
C SER A 6 -12.22 -0.61 -0.62
N GLY A 7 -10.93 -0.75 -0.87
CA GLY A 7 -10.44 -1.76 -1.80
C GLY A 7 -8.97 -1.53 -2.15
N VAL A 8 -8.16 -2.53 -1.82
CA VAL A 8 -6.74 -2.45 -2.09
C VAL A 8 -6.33 -3.61 -3.01
N ASN A 9 -5.02 -3.77 -3.16
CA ASN A 9 -4.50 -4.83 -4.00
C ASN A 9 -3.40 -5.58 -3.24
N GLN A 10 -3.75 -6.77 -2.76
CA GLN A 10 -2.83 -7.59 -2.01
C GLN A 10 -1.43 -7.52 -2.65
N GLN A 11 -1.42 -7.57 -3.98
CA GLN A 11 -0.18 -7.53 -4.72
C GLN A 11 0.79 -6.54 -4.07
N GLN A 12 0.47 -5.26 -4.21
CA GLN A 12 1.30 -4.20 -3.65
C GLN A 12 1.56 -4.48 -2.17
N LEU A 13 0.47 -4.68 -1.44
CA LEU A 13 0.58 -4.95 -0.01
C LEU A 13 1.68 -6.00 0.23
N GLN A 14 1.52 -7.14 -0.41
CA GLN A 14 2.49 -8.22 -0.27
C GLN A 14 3.86 -7.76 -0.76
N GLN A 15 3.87 -7.15 -1.94
CA GLN A 15 5.10 -6.67 -2.53
C GLN A 15 5.86 -5.80 -1.52
N LEU A 16 5.16 -4.81 -0.99
CA LEU A 16 5.75 -3.91 -0.01
C LEU A 16 6.10 -4.69 1.25
N MET A 17 5.08 -5.32 1.82
CA MET A 17 5.27 -6.11 3.03
C MET A 17 6.52 -6.97 2.94
N ASP A 18 6.83 -7.38 1.72
CA ASP A 18 8.00 -8.21 1.48
C ASP A 18 9.26 -7.42 1.83
N MET A 19 9.35 -6.22 1.26
CA MET A 19 10.50 -5.36 1.50
C MET A 19 10.87 -5.35 2.99
N GLY A 20 9.85 -5.39 3.82
CA GLY A 20 10.05 -5.39 5.26
C GLY A 20 9.35 -4.20 5.91
N PHE A 21 8.03 -4.22 5.84
CA PHE A 21 7.22 -3.15 6.42
C PHE A 21 6.10 -3.72 7.29
N THR A 22 5.30 -2.81 7.84
CA THR A 22 4.19 -3.20 8.68
C THR A 22 2.88 -3.16 7.88
N ARG A 23 2.12 -4.24 8.01
CA ARG A 23 0.85 -4.34 7.31
C ARG A 23 0.04 -3.05 7.50
N GLU A 24 0.04 -2.58 8.74
CA GLU A 24 -0.69 -1.37 9.07
C GLU A 24 -0.39 -0.27 8.06
N HIS A 25 0.88 0.11 8.00
CA HIS A 25 1.31 1.15 7.08
C HIS A 25 1.17 0.65 5.64
N ALA A 26 1.53 -0.60 5.44
CA ALA A 26 1.44 -1.21 4.13
C ALA A 26 0.04 -1.01 3.57
N MET A 27 -0.94 -1.43 4.35
CA MET A 27 -2.33 -1.30 3.95
C MET A 27 -2.70 0.17 3.71
N GLU A 28 -2.58 0.95 4.76
CA GLU A 28 -2.89 2.37 4.68
C GLU A 28 -2.18 3.00 3.48
N ALA A 29 -0.90 2.70 3.36
CA ALA A 29 -0.09 3.22 2.28
C ALA A 29 -0.90 3.16 0.98
N LEU A 30 -1.12 1.94 0.51
CA LEU A 30 -1.87 1.73 -0.71
C LEU A 30 -3.11 2.61 -0.70
N LEU A 31 -3.98 2.33 0.26
CA LEU A 31 -5.22 3.09 0.39
C LEU A 31 -4.93 4.58 0.16
N ASN A 32 -4.00 5.09 0.95
CA ASN A 32 -3.61 6.49 0.85
C ASN A 32 -3.31 6.82 -0.61
N THR A 33 -2.51 5.96 -1.22
CA THR A 33 -2.13 6.16 -2.62
C THR A 33 -3.09 5.40 -3.54
N SER A 34 -2.63 5.17 -4.76
CA SER A 34 -3.43 4.46 -5.75
C SER A 34 -2.56 3.49 -6.53
N THR A 35 -1.41 3.99 -6.96
CA THR A 35 -0.48 3.18 -7.72
C THR A 35 0.53 2.51 -6.79
N MET A 36 1.33 1.62 -7.37
CA MET A 36 2.33 0.91 -6.61
C MET A 36 3.47 1.84 -6.17
N GLU A 37 4.15 2.39 -7.17
CA GLU A 37 5.26 3.30 -6.92
C GLU A 37 4.91 4.23 -5.75
N GLN A 38 3.77 4.90 -5.89
CA GLN A 38 3.31 5.82 -4.87
C GLN A 38 3.39 5.17 -3.49
N ALA A 39 2.71 4.05 -3.36
CA ALA A 39 2.69 3.31 -2.10
C ALA A 39 4.11 3.29 -1.51
N THR A 40 5.03 2.76 -2.30
CA THR A 40 6.41 2.67 -1.86
C THR A 40 6.82 3.93 -1.10
N GLU A 41 6.57 5.07 -1.73
CA GLU A 41 6.90 6.35 -1.11
C GLU A 41 6.41 6.38 0.33
N TYR A 42 5.09 6.32 0.47
CA TYR A 42 4.47 6.35 1.79
C TYR A 42 5.30 5.55 2.80
N LEU A 43 5.60 4.32 2.43
CA LEU A 43 6.38 3.45 3.29
C LEU A 43 7.80 4.00 3.39
N LEU A 44 8.47 4.06 2.26
CA LEU A 44 9.84 4.55 2.20
C LEU A 44 9.97 5.76 3.11
N THR A 45 9.06 6.72 2.92
CA THR A 45 9.06 7.93 3.71
C THR A 45 8.90 7.60 5.20
N HIS A 46 7.84 6.86 5.49
CA HIS A 46 7.56 6.47 6.87
C HIS A 46 7.65 4.95 6.99
N PRO A 47 8.87 4.46 7.32
CA PRO A 47 9.11 3.03 7.47
C PRO A 47 8.51 2.52 8.78
N GLY A 1 -14.00 11.05 -6.69
CA GLY A 1 -12.88 10.47 -7.42
C GLY A 1 -12.61 9.04 -6.97
N SER A 2 -13.21 8.10 -7.67
CA SER A 2 -13.03 6.69 -7.34
C SER A 2 -12.07 6.04 -8.34
N SER A 3 -11.01 5.47 -7.79
CA SER A 3 -10.00 4.81 -8.61
C SER A 3 -9.23 3.79 -7.77
N GLY A 4 -8.77 2.75 -8.45
CA GLY A 4 -8.02 1.70 -7.80
C GLY A 4 -8.71 0.33 -7.96
N SER A 5 -8.53 -0.51 -6.97
CA SER A 5 -9.12 -1.84 -6.99
C SER A 5 -9.46 -2.29 -5.57
N SER A 6 -10.74 -2.21 -5.24
CA SER A 6 -11.21 -2.60 -3.92
C SER A 6 -10.24 -2.09 -2.85
N GLY A 7 -10.37 -0.81 -2.55
CA GLY A 7 -9.51 -0.19 -1.54
C GLY A 7 -8.04 -0.58 -1.78
N VAL A 8 -7.49 -1.26 -0.79
CA VAL A 8 -6.10 -1.70 -0.87
C VAL A 8 -5.95 -2.74 -1.98
N ASN A 9 -4.79 -3.36 -2.01
CA ASN A 9 -4.50 -4.38 -3.01
C ASN A 9 -3.48 -5.36 -2.46
N GLN A 10 -3.96 -6.57 -2.17
CA GLN A 10 -3.09 -7.61 -1.64
C GLN A 10 -1.75 -7.63 -2.38
N GLN A 11 -1.86 -7.70 -3.70
CA GLN A 11 -0.67 -7.73 -4.54
C GLN A 11 0.40 -6.77 -3.99
N GLN A 12 0.12 -5.48 -4.14
CA GLN A 12 1.05 -4.47 -3.66
C GLN A 12 1.39 -4.71 -2.19
N LEU A 13 0.35 -4.85 -1.39
CA LEU A 13 0.53 -5.09 0.04
C LEU A 13 1.64 -6.11 0.23
N GLN A 14 1.57 -7.19 -0.55
CA GLN A 14 2.56 -8.24 -0.47
C GLN A 14 3.94 -7.71 -0.83
N GLN A 15 4.02 -7.13 -2.02
CA GLN A 15 5.28 -6.57 -2.50
C GLN A 15 5.90 -5.66 -1.43
N LEU A 16 5.04 -4.84 -0.85
CA LEU A 16 5.49 -3.91 0.18
C LEU A 16 5.90 -4.70 1.42
N MET A 17 4.96 -5.48 1.94
CA MET A 17 5.21 -6.29 3.12
C MET A 17 6.50 -7.11 2.96
N ASP A 18 6.82 -7.40 1.70
CA ASP A 18 8.02 -8.17 1.41
C ASP A 18 9.26 -7.31 1.65
N MET A 19 9.25 -6.14 1.03
CA MET A 19 10.36 -5.21 1.17
C MET A 19 10.79 -5.09 2.63
N GLY A 20 9.83 -5.29 3.52
CA GLY A 20 10.09 -5.21 4.94
C GLY A 20 9.34 -4.03 5.57
N PHE A 21 8.02 -4.16 5.60
CA PHE A 21 7.18 -3.12 6.17
C PHE A 21 6.07 -3.73 7.02
N THR A 22 5.32 -2.85 7.67
CA THR A 22 4.22 -3.28 8.52
C THR A 22 2.89 -3.21 7.77
N ARG A 23 2.15 -4.30 7.82
CA ARG A 23 0.87 -4.38 7.15
C ARG A 23 0.03 -3.14 7.48
N GLU A 24 0.12 -2.71 8.73
CA GLU A 24 -0.62 -1.56 9.19
C GLU A 24 -0.38 -0.37 8.24
N HIS A 25 0.86 0.09 8.22
CA HIS A 25 1.23 1.20 7.37
C HIS A 25 1.00 0.84 5.91
N ALA A 26 1.44 -0.36 5.55
CA ALA A 26 1.28 -0.84 4.18
C ALA A 26 -0.15 -0.58 3.73
N MET A 27 -1.08 -1.26 4.39
CA MET A 27 -2.49 -1.12 4.06
C MET A 27 -2.85 0.35 3.80
N GLU A 28 -2.60 1.17 4.81
CA GLU A 28 -2.89 2.58 4.71
C GLU A 28 -2.14 3.20 3.53
N ALA A 29 -0.90 2.78 3.37
CA ALA A 29 -0.07 3.28 2.29
C ALA A 29 -0.84 3.16 0.97
N LEU A 30 -1.05 1.91 0.55
CA LEU A 30 -1.76 1.65 -0.68
C LEU A 30 -3.04 2.50 -0.72
N LEU A 31 -3.92 2.23 0.21
CA LEU A 31 -5.18 2.97 0.30
C LEU A 31 -4.92 4.45 0.01
N ASN A 32 -4.06 5.02 0.84
CA ASN A 32 -3.71 6.44 0.69
C ASN A 32 -3.37 6.72 -0.78
N THR A 33 -2.42 5.94 -1.29
CA THR A 33 -1.99 6.10 -2.67
C THR A 33 -2.96 5.39 -3.62
N SER A 34 -2.48 5.13 -4.82
CA SER A 34 -3.30 4.46 -5.83
C SER A 34 -2.45 3.43 -6.58
N THR A 35 -1.26 3.85 -6.97
CA THR A 35 -0.34 2.97 -7.69
C THR A 35 0.65 2.33 -6.73
N MET A 36 1.43 1.41 -7.26
CA MET A 36 2.41 0.71 -6.46
C MET A 36 3.52 1.65 -6.01
N GLU A 37 4.18 2.26 -6.98
CA GLU A 37 5.25 3.20 -6.70
C GLU A 37 4.87 4.11 -5.53
N GLN A 38 3.80 4.87 -5.74
CA GLN A 38 3.33 5.78 -4.72
C GLN A 38 3.44 5.14 -3.33
N ALA A 39 2.79 3.99 -3.19
CA ALA A 39 2.80 3.27 -1.94
C ALA A 39 4.21 3.31 -1.35
N THR A 40 5.18 3.06 -2.21
CA THR A 40 6.58 3.06 -1.79
C THR A 40 6.87 4.31 -0.94
N GLU A 41 6.76 5.46 -1.57
CA GLU A 41 7.00 6.72 -0.89
C GLU A 41 6.42 6.68 0.52
N TYR A 42 5.11 6.54 0.58
CA TYR A 42 4.41 6.49 1.86
C TYR A 42 5.21 5.66 2.87
N LEU A 43 5.38 4.39 2.55
CA LEU A 43 6.11 3.48 3.41
C LEU A 43 7.53 4.03 3.63
N LEU A 44 8.11 4.51 2.54
CA LEU A 44 9.46 5.04 2.60
C LEU A 44 9.54 6.10 3.71
N THR A 45 8.76 7.16 3.54
CA THR A 45 8.73 8.24 4.51
C THR A 45 8.16 7.74 5.84
N HIS A 46 6.96 7.17 5.76
CA HIS A 46 6.30 6.66 6.94
C HIS A 46 6.56 7.59 8.13
N PRO A 47 5.69 8.63 8.23
CA PRO A 47 5.81 9.60 9.31
C PRO A 47 5.33 9.01 10.64
N GLY A 1 -18.49 2.96 -8.37
CA GLY A 1 -18.71 4.39 -8.41
C GLY A 1 -17.80 5.12 -7.41
N SER A 2 -18.43 5.86 -6.51
CA SER A 2 -17.70 6.60 -5.50
C SER A 2 -17.35 5.67 -4.33
N SER A 3 -18.39 5.12 -3.72
CA SER A 3 -18.20 4.22 -2.60
C SER A 3 -18.96 2.91 -2.85
N GLY A 4 -18.29 1.81 -2.53
CA GLY A 4 -18.89 0.49 -2.70
C GLY A 4 -18.23 -0.53 -1.78
N SER A 5 -16.92 -0.70 -1.97
CA SER A 5 -16.17 -1.64 -1.16
C SER A 5 -14.68 -1.32 -1.23
N SER A 6 -14.12 -0.96 -0.08
CA SER A 6 -12.72 -0.62 0.01
C SER A 6 -11.87 -1.89 -0.08
N GLY A 7 -11.46 -2.22 -1.30
CA GLY A 7 -10.65 -3.40 -1.53
C GLY A 7 -9.30 -3.03 -2.12
N VAL A 8 -8.27 -3.13 -1.29
CA VAL A 8 -6.92 -2.80 -1.72
C VAL A 8 -6.42 -3.89 -2.67
N ASN A 9 -5.13 -3.86 -2.93
CA ASN A 9 -4.51 -4.83 -3.81
C ASN A 9 -3.42 -5.59 -3.06
N GLN A 10 -3.76 -6.81 -2.65
CA GLN A 10 -2.83 -7.65 -1.93
C GLN A 10 -1.45 -7.59 -2.58
N GLN A 11 -1.44 -7.65 -3.89
CA GLN A 11 -0.20 -7.60 -4.64
C GLN A 11 0.77 -6.60 -4.00
N GLN A 12 0.44 -5.33 -4.16
CA GLN A 12 1.27 -4.26 -3.60
C GLN A 12 1.57 -4.54 -2.14
N LEU A 13 0.51 -4.81 -1.38
CA LEU A 13 0.65 -5.10 0.04
C LEU A 13 1.76 -6.12 0.24
N GLN A 14 1.63 -7.23 -0.48
CA GLN A 14 2.61 -8.30 -0.40
C GLN A 14 3.99 -7.80 -0.85
N GLN A 15 4.00 -7.18 -2.03
CA GLN A 15 5.24 -6.66 -2.58
C GLN A 15 5.96 -5.79 -1.54
N LEU A 16 5.19 -4.89 -0.95
CA LEU A 16 5.73 -3.99 0.05
C LEU A 16 6.07 -4.78 1.32
N MET A 17 5.06 -5.46 1.83
CA MET A 17 5.24 -6.26 3.03
C MET A 17 6.51 -7.12 2.94
N ASP A 18 6.89 -7.43 1.71
CA ASP A 18 8.08 -8.23 1.47
C ASP A 18 9.32 -7.38 1.75
N MET A 19 9.33 -6.18 1.19
CA MET A 19 10.44 -5.27 1.37
C MET A 19 10.81 -5.13 2.85
N GLY A 20 9.82 -5.41 3.69
CA GLY A 20 10.03 -5.31 5.13
C GLY A 20 9.29 -4.11 5.72
N PHE A 21 7.98 -4.24 5.79
CA PHE A 21 7.16 -3.17 6.33
C PHE A 21 5.98 -3.72 7.14
N THR A 22 5.31 -2.83 7.85
CA THR A 22 4.17 -3.23 8.67
C THR A 22 2.89 -3.17 7.84
N ARG A 23 2.12 -4.25 7.92
CA ARG A 23 0.87 -4.34 7.20
C ARG A 23 0.04 -3.07 7.41
N GLU A 24 0.09 -2.57 8.63
CA GLU A 24 -0.66 -1.36 8.98
C GLU A 24 -0.36 -0.25 7.96
N HIS A 25 0.90 0.15 7.92
CA HIS A 25 1.33 1.19 7.00
C HIS A 25 1.13 0.72 5.57
N ALA A 26 1.48 -0.53 5.33
CA ALA A 26 1.33 -1.11 4.00
C ALA A 26 -0.09 -0.89 3.50
N MET A 27 -1.04 -1.24 4.34
CA MET A 27 -2.44 -1.09 4.00
C MET A 27 -2.80 0.39 3.80
N GLU A 28 -2.66 1.16 4.87
CA GLU A 28 -2.96 2.57 4.82
C GLU A 28 -2.24 3.23 3.63
N ALA A 29 -1.02 2.77 3.40
CA ALA A 29 -0.22 3.30 2.29
C ALA A 29 -1.02 3.19 1.00
N LEU A 30 -1.17 1.97 0.53
CA LEU A 30 -1.91 1.71 -0.70
C LEU A 30 -3.17 2.58 -0.71
N LEU A 31 -4.03 2.34 0.28
CA LEU A 31 -5.27 3.08 0.38
C LEU A 31 -4.99 4.57 0.18
N ASN A 32 -4.01 5.06 0.93
CA ASN A 32 -3.63 6.46 0.84
C ASN A 32 -3.30 6.81 -0.61
N THR A 33 -2.51 5.95 -1.23
CA THR A 33 -2.12 6.16 -2.61
C THR A 33 -3.08 5.44 -3.55
N SER A 34 -2.62 5.22 -4.77
CA SER A 34 -3.43 4.54 -5.77
C SER A 34 -2.59 3.51 -6.54
N THR A 35 -1.40 3.95 -6.92
CA THR A 35 -0.49 3.08 -7.65
C THR A 35 0.50 2.42 -6.69
N MET A 36 1.29 1.51 -7.25
CA MET A 36 2.28 0.80 -6.46
C MET A 36 3.42 1.73 -6.05
N GLU A 37 4.12 2.23 -7.05
CA GLU A 37 5.24 3.13 -6.81
C GLU A 37 4.91 4.07 -5.65
N GLN A 38 3.82 4.81 -5.81
CA GLN A 38 3.39 5.75 -4.80
C GLN A 38 3.49 5.12 -3.41
N ALA A 39 2.83 3.98 -3.26
CA ALA A 39 2.83 3.27 -2.00
C ALA A 39 4.25 3.30 -1.40
N THR A 40 5.19 2.86 -2.21
CA THR A 40 6.59 2.83 -1.78
C THR A 40 6.93 4.11 -1.00
N GLU A 41 6.77 5.24 -1.69
CA GLU A 41 7.06 6.53 -1.07
C GLU A 41 6.53 6.56 0.35
N TYR A 42 5.21 6.45 0.46
CA TYR A 42 4.57 6.47 1.77
C TYR A 42 5.39 5.71 2.80
N LEU A 43 5.73 4.48 2.46
CA LEU A 43 6.51 3.64 3.35
C LEU A 43 7.93 4.21 3.47
N LEU A 44 8.53 4.44 2.31
CA LEU A 44 9.88 4.98 2.26
C LEU A 44 9.98 6.17 3.22
N THR A 45 9.06 7.10 3.04
CA THR A 45 9.03 8.30 3.88
C THR A 45 8.79 7.91 5.33
N HIS A 46 7.76 7.11 5.54
CA HIS A 46 7.41 6.66 6.88
C HIS A 46 7.47 5.13 6.94
N PRO A 47 8.67 4.61 7.32
CA PRO A 47 8.87 3.19 7.42
C PRO A 47 8.21 2.62 8.68
N GLY A 1 -9.97 -11.24 -2.82
CA GLY A 1 -11.28 -11.43 -2.21
C GLY A 1 -12.37 -10.74 -3.04
N SER A 2 -13.42 -10.34 -2.35
CA SER A 2 -14.53 -9.67 -2.99
C SER A 2 -14.27 -8.16 -3.05
N SER A 3 -15.00 -7.50 -3.93
CA SER A 3 -14.87 -6.06 -4.09
C SER A 3 -15.96 -5.33 -3.30
N GLY A 4 -15.52 -4.50 -2.38
CA GLY A 4 -16.44 -3.74 -1.55
C GLY A 4 -16.32 -2.24 -1.82
N SER A 5 -16.44 -1.46 -0.75
CA SER A 5 -16.34 -0.02 -0.86
C SER A 5 -14.88 0.42 -0.77
N SER A 6 -14.27 0.11 0.35
CA SER A 6 -12.87 0.47 0.57
C SER A 6 -12.00 -0.79 0.48
N GLY A 7 -11.62 -1.11 -0.75
CA GLY A 7 -10.78 -2.28 -0.99
C GLY A 7 -9.37 -1.86 -1.38
N VAL A 8 -8.47 -2.84 -1.39
CA VAL A 8 -7.09 -2.60 -1.75
C VAL A 8 -6.60 -3.73 -2.66
N ASN A 9 -5.28 -3.76 -2.84
CA ASN A 9 -4.67 -4.78 -3.68
C ASN A 9 -3.59 -5.51 -2.88
N GLN A 10 -3.87 -6.78 -2.60
CA GLN A 10 -2.94 -7.60 -1.84
C GLN A 10 -1.56 -7.61 -2.52
N GLN A 11 -1.59 -7.77 -3.83
CA GLN A 11 -0.36 -7.79 -4.61
C GLN A 11 0.63 -6.77 -4.06
N GLN A 12 0.32 -5.50 -4.31
CA GLN A 12 1.17 -4.41 -3.85
C GLN A 12 1.48 -4.57 -2.37
N LEU A 13 0.42 -4.72 -1.58
CA LEU A 13 0.57 -4.88 -0.15
C LEU A 13 1.70 -5.87 0.14
N GLN A 14 1.57 -7.05 -0.46
CA GLN A 14 2.57 -8.10 -0.28
C GLN A 14 3.93 -7.63 -0.81
N GLN A 15 3.90 -7.08 -2.02
CA GLN A 15 5.12 -6.58 -2.65
C GLN A 15 5.93 -5.75 -1.65
N LEU A 16 5.25 -4.81 -1.02
CA LEU A 16 5.89 -3.95 -0.04
C LEU A 16 6.18 -4.75 1.23
N MET A 17 5.13 -5.31 1.79
CA MET A 17 5.25 -6.10 3.00
C MET A 17 6.47 -7.02 2.93
N ASP A 18 6.81 -7.40 1.71
CA ASP A 18 7.96 -8.27 1.50
C ASP A 18 9.25 -7.50 1.80
N MET A 19 9.33 -6.31 1.23
CA MET A 19 10.50 -5.46 1.42
C MET A 19 10.86 -5.36 2.90
N GLY A 20 9.84 -5.49 3.74
CA GLY A 20 10.02 -5.41 5.17
C GLY A 20 9.33 -4.18 5.75
N PHE A 21 8.00 -4.26 5.78
CA PHE A 21 7.21 -3.16 6.31
C PHE A 21 6.02 -3.68 7.12
N THR A 22 5.42 -2.79 7.89
CA THR A 22 4.28 -3.15 8.71
C THR A 22 3.00 -3.12 7.88
N ARG A 23 2.23 -4.19 7.99
CA ARG A 23 0.98 -4.30 7.26
C ARG A 23 0.12 -3.06 7.48
N GLU A 24 0.09 -2.62 8.74
CA GLU A 24 -0.68 -1.45 9.11
C GLU A 24 -0.43 -0.31 8.11
N HIS A 25 0.80 0.18 8.11
CA HIS A 25 1.19 1.25 7.21
C HIS A 25 0.98 0.81 5.77
N ALA A 26 1.54 -0.35 5.45
CA ALA A 26 1.42 -0.89 4.10
C ALA A 26 0.00 -0.69 3.59
N MET A 27 -0.95 -1.24 4.33
CA MET A 27 -2.35 -1.12 3.98
C MET A 27 -2.74 0.35 3.75
N GLU A 28 -2.61 1.13 4.81
CA GLU A 28 -2.95 2.54 4.73
C GLU A 28 -2.26 3.18 3.53
N ALA A 29 -1.00 2.81 3.33
CA ALA A 29 -0.24 3.34 2.22
C ALA A 29 -1.05 3.21 0.92
N LEU A 30 -1.22 1.95 0.51
CA LEU A 30 -1.98 1.67 -0.70
C LEU A 30 -3.28 2.48 -0.69
N LEU A 31 -4.09 2.24 0.33
CA LEU A 31 -5.35 2.94 0.47
C LEU A 31 -5.14 4.42 0.16
N ASN A 32 -4.18 5.01 0.87
CA ASN A 32 -3.87 6.42 0.69
C ASN A 32 -3.46 6.66 -0.77
N THR A 33 -2.43 5.92 -1.19
CA THR A 33 -1.93 6.04 -2.55
C THR A 33 -2.93 5.46 -3.54
N SER A 34 -2.44 5.21 -4.75
CA SER A 34 -3.27 4.65 -5.80
C SER A 34 -2.51 3.56 -6.56
N THR A 35 -1.28 3.89 -6.90
CA THR A 35 -0.43 2.96 -7.62
C THR A 35 0.64 2.37 -6.70
N MET A 36 1.33 1.37 -7.22
CA MET A 36 2.38 0.71 -6.45
C MET A 36 3.46 1.72 -6.04
N GLU A 37 4.04 2.35 -7.05
CA GLU A 37 5.09 3.33 -6.81
C GLU A 37 4.77 4.16 -5.57
N GLN A 38 3.74 4.98 -5.68
CA GLN A 38 3.32 5.82 -4.59
C GLN A 38 3.45 5.07 -3.26
N ALA A 39 2.83 3.90 -3.21
CA ALA A 39 2.86 3.07 -2.02
C ALA A 39 4.28 3.07 -1.46
N THR A 40 5.24 2.83 -2.34
CA THR A 40 6.64 2.80 -1.94
C THR A 40 6.97 4.01 -1.07
N GLU A 41 6.90 5.18 -1.68
CA GLU A 41 7.19 6.42 -0.97
C GLU A 41 6.59 6.38 0.44
N TYR A 42 5.28 6.27 0.49
CA TYR A 42 4.58 6.22 1.77
C TYR A 42 5.37 5.41 2.79
N LEU A 43 5.81 4.23 2.35
CA LEU A 43 6.59 3.36 3.22
C LEU A 43 8.01 3.90 3.35
N LEU A 44 8.64 4.09 2.20
CA LEU A 44 10.00 4.60 2.17
C LEU A 44 10.15 5.70 3.23
N THR A 45 9.18 6.60 3.24
CA THR A 45 9.19 7.69 4.19
C THR A 45 9.07 7.17 5.63
N HIS A 46 8.04 6.34 5.83
CA HIS A 46 7.80 5.77 7.14
C HIS A 46 9.14 5.42 7.80
N PRO A 47 9.59 6.34 8.71
CA PRO A 47 10.84 6.14 9.41
C PRO A 47 10.68 5.08 10.51
N GLY A 1 -17.33 -4.94 -15.50
CA GLY A 1 -18.46 -4.78 -14.59
C GLY A 1 -18.68 -3.31 -14.24
N SER A 2 -17.78 -2.79 -13.41
CA SER A 2 -17.87 -1.40 -12.98
C SER A 2 -16.72 -1.08 -12.02
N SER A 3 -16.30 0.18 -12.04
CA SER A 3 -15.22 0.62 -11.18
C SER A 3 -15.43 0.07 -9.76
N GLY A 4 -14.32 -0.30 -9.14
CA GLY A 4 -14.35 -0.84 -7.80
C GLY A 4 -13.30 -0.18 -6.91
N SER A 5 -13.76 0.78 -6.11
CA SER A 5 -12.86 1.48 -5.21
C SER A 5 -13.22 1.18 -3.76
N SER A 6 -12.40 0.35 -3.15
CA SER A 6 -12.61 -0.04 -1.76
C SER A 6 -11.53 -1.03 -1.32
N GLY A 7 -11.49 -2.16 -2.02
CA GLY A 7 -10.51 -3.19 -1.71
C GLY A 7 -9.14 -2.83 -2.28
N VAL A 8 -8.12 -3.04 -1.45
CA VAL A 8 -6.76 -2.74 -1.85
C VAL A 8 -6.26 -3.82 -2.82
N ASN A 9 -4.96 -3.81 -3.06
CA ASN A 9 -4.36 -4.78 -3.95
C ASN A 9 -3.28 -5.56 -3.20
N GLN A 10 -3.65 -6.76 -2.77
CA GLN A 10 -2.73 -7.61 -2.05
C GLN A 10 -1.34 -7.53 -2.67
N GLN A 11 -1.31 -7.57 -3.99
CA GLN A 11 -0.05 -7.50 -4.71
C GLN A 11 0.90 -6.52 -4.04
N GLN A 12 0.59 -5.24 -4.17
CA GLN A 12 1.40 -4.19 -3.58
C GLN A 12 1.60 -4.46 -2.08
N LEU A 13 0.49 -4.64 -1.39
CA LEU A 13 0.52 -4.91 0.03
C LEU A 13 1.62 -5.93 0.33
N GLN A 14 1.43 -7.13 -0.21
CA GLN A 14 2.39 -8.21 -0.01
C GLN A 14 3.76 -7.79 -0.55
N GLN A 15 3.75 -7.31 -1.79
CA GLN A 15 4.98 -6.89 -2.43
C GLN A 15 5.82 -6.04 -1.48
N LEU A 16 5.19 -5.02 -0.94
CA LEU A 16 5.87 -4.13 0.00
C LEU A 16 6.21 -4.90 1.27
N MET A 17 5.17 -5.50 1.85
CA MET A 17 5.34 -6.27 3.08
C MET A 17 6.60 -7.14 3.00
N ASP A 18 6.95 -7.52 1.79
CA ASP A 18 8.12 -8.36 1.57
C ASP A 18 9.38 -7.53 1.86
N MET A 19 9.45 -6.36 1.24
CA MET A 19 10.58 -5.48 1.42
C MET A 19 10.96 -5.37 2.90
N GLY A 20 9.95 -5.40 3.75
CA GLY A 20 10.15 -5.32 5.17
C GLY A 20 9.40 -4.12 5.77
N PHE A 21 8.09 -4.18 5.67
CA PHE A 21 7.25 -3.11 6.18
C PHE A 21 6.08 -3.67 7.00
N THR A 22 5.44 -2.77 7.73
CA THR A 22 4.31 -3.17 8.56
C THR A 22 3.01 -3.16 7.74
N ARG A 23 2.26 -4.23 7.87
CA ARG A 23 1.00 -4.37 7.15
C ARG A 23 0.14 -3.12 7.36
N GLU A 24 0.00 -2.74 8.63
CA GLU A 24 -0.79 -1.57 8.96
C GLU A 24 -0.51 -0.43 7.99
N HIS A 25 0.72 0.05 8.02
CA HIS A 25 1.13 1.13 7.14
C HIS A 25 0.94 0.71 5.69
N ALA A 26 1.46 -0.47 5.38
CA ALA A 26 1.37 -1.00 4.03
C ALA A 26 -0.05 -0.78 3.50
N MET A 27 -1.01 -1.29 4.25
CA MET A 27 -2.41 -1.16 3.86
C MET A 27 -2.79 0.32 3.69
N GLU A 28 -2.63 1.07 4.77
CA GLU A 28 -2.95 2.49 4.74
C GLU A 28 -2.28 3.17 3.54
N ALA A 29 -1.03 2.77 3.31
CA ALA A 29 -0.28 3.33 2.19
C ALA A 29 -1.10 3.21 0.91
N LEU A 30 -1.20 1.99 0.42
CA LEU A 30 -1.96 1.73 -0.80
C LEU A 30 -3.24 2.56 -0.79
N LEU A 31 -4.03 2.35 0.26
CA LEU A 31 -5.29 3.08 0.40
C LEU A 31 -5.03 4.57 0.19
N ASN A 32 -4.07 5.10 0.95
CA ASN A 32 -3.73 6.50 0.85
C ASN A 32 -3.40 6.84 -0.61
N THR A 33 -2.59 5.99 -1.21
CA THR A 33 -2.19 6.20 -2.59
C THR A 33 -3.14 5.45 -3.53
N SER A 34 -2.64 5.18 -4.73
CA SER A 34 -3.43 4.48 -5.73
C SER A 34 -2.55 3.48 -6.48
N THR A 35 -1.38 3.94 -6.88
CA THR A 35 -0.45 3.10 -7.61
C THR A 35 0.58 2.49 -6.64
N MET A 36 1.37 1.57 -7.17
CA MET A 36 2.38 0.90 -6.38
C MET A 36 3.53 1.86 -6.05
N GLU A 37 4.12 2.42 -7.10
CA GLU A 37 5.22 3.34 -6.93
C GLU A 37 4.94 4.29 -5.76
N GLN A 38 3.81 4.98 -5.85
CA GLN A 38 3.42 5.92 -4.82
C GLN A 38 3.49 5.25 -3.44
N ALA A 39 2.83 4.10 -3.35
CA ALA A 39 2.80 3.36 -2.10
C ALA A 39 4.21 3.29 -1.52
N THR A 40 5.14 2.91 -2.38
CA THR A 40 6.53 2.80 -1.97
C THR A 40 6.94 4.01 -1.13
N GLU A 41 6.74 5.19 -1.71
CA GLU A 41 7.08 6.43 -1.03
C GLU A 41 6.51 6.43 0.39
N TYR A 42 5.20 6.29 0.47
CA TYR A 42 4.53 6.27 1.76
C TYR A 42 5.30 5.43 2.77
N LEU A 43 5.75 4.27 2.31
CA LEU A 43 6.50 3.36 3.15
C LEU A 43 7.93 3.89 3.32
N LEU A 44 8.55 4.22 2.19
CA LEU A 44 9.90 4.73 2.21
C LEU A 44 10.04 5.78 3.32
N THR A 45 8.95 6.52 3.53
CA THR A 45 8.94 7.55 4.55
C THR A 45 8.71 6.93 5.93
N HIS A 46 7.76 6.00 5.97
CA HIS A 46 7.43 5.33 7.22
C HIS A 46 8.71 5.06 8.01
N PRO A 47 8.97 5.95 9.00
CA PRO A 47 10.16 5.82 9.83
C PRO A 47 9.99 4.69 10.86
N GLY A 1 -15.52 5.01 -11.07
CA GLY A 1 -16.08 4.09 -10.10
C GLY A 1 -15.24 2.82 -10.00
N SER A 2 -14.44 2.75 -8.94
CA SER A 2 -13.59 1.60 -8.71
C SER A 2 -13.96 0.92 -7.40
N SER A 3 -14.32 -0.35 -7.51
CA SER A 3 -14.70 -1.13 -6.35
C SER A 3 -15.97 -0.54 -5.72
N GLY A 4 -16.74 -1.42 -5.10
CA GLY A 4 -17.98 -1.00 -4.45
C GLY A 4 -17.75 0.22 -3.57
N SER A 5 -17.12 -0.03 -2.42
CA SER A 5 -16.83 1.04 -1.48
C SER A 5 -15.35 1.42 -1.55
N SER A 6 -14.51 0.43 -1.29
CA SER A 6 -13.07 0.63 -1.31
C SER A 6 -12.35 -0.68 -1.06
N GLY A 7 -11.23 -0.85 -1.76
CA GLY A 7 -10.43 -2.06 -1.62
C GLY A 7 -8.96 -1.79 -1.96
N VAL A 8 -8.12 -2.72 -1.54
CA VAL A 8 -6.69 -2.59 -1.80
C VAL A 8 -6.25 -3.69 -2.76
N ASN A 9 -4.94 -3.82 -2.91
CA ASN A 9 -4.38 -4.83 -3.81
C ASN A 9 -3.28 -5.59 -3.07
N GLN A 10 -3.61 -6.82 -2.68
CA GLN A 10 -2.67 -7.66 -1.97
C GLN A 10 -1.28 -7.55 -2.61
N GLN A 11 -1.27 -7.61 -3.94
CA GLN A 11 -0.03 -7.51 -4.68
C GLN A 11 0.91 -6.50 -4.03
N GLN A 12 0.56 -5.23 -4.16
CA GLN A 12 1.36 -4.17 -3.59
C GLN A 12 1.61 -4.42 -2.10
N LEU A 13 0.53 -4.68 -1.40
CA LEU A 13 0.61 -4.95 0.04
C LEU A 13 1.74 -5.96 0.29
N GLN A 14 1.51 -7.18 -0.19
CA GLN A 14 2.49 -8.24 -0.02
C GLN A 14 3.85 -7.80 -0.58
N GLN A 15 3.81 -7.27 -1.79
CA GLN A 15 5.03 -6.81 -2.44
C GLN A 15 5.86 -5.97 -1.47
N LEU A 16 5.24 -4.93 -0.95
CA LEU A 16 5.91 -4.04 -0.03
C LEU A 16 6.25 -4.81 1.25
N MET A 17 5.22 -5.41 1.84
CA MET A 17 5.41 -6.18 3.06
C MET A 17 6.64 -7.07 2.97
N ASP A 18 6.96 -7.48 1.75
CA ASP A 18 8.10 -8.34 1.51
C ASP A 18 9.39 -7.54 1.80
N MET A 19 9.41 -6.32 1.29
CA MET A 19 10.56 -5.46 1.48
C MET A 19 10.93 -5.36 2.97
N GLY A 20 9.91 -5.46 3.80
CA GLY A 20 10.11 -5.39 5.25
C GLY A 20 9.36 -4.19 5.84
N PHE A 21 8.05 -4.25 5.73
CA PHE A 21 7.21 -3.18 6.24
C PHE A 21 6.06 -3.74 7.08
N THR A 22 5.37 -2.84 7.77
CA THR A 22 4.24 -3.24 8.60
C THR A 22 2.95 -3.18 7.79
N ARG A 23 2.20 -4.28 7.87
CA ARG A 23 0.94 -4.38 7.15
C ARG A 23 0.09 -3.13 7.41
N GLU A 24 0.14 -2.66 8.65
CA GLU A 24 -0.62 -1.49 9.04
C GLU A 24 -0.39 -0.35 8.02
N HIS A 25 0.83 0.16 8.04
CA HIS A 25 1.19 1.24 7.13
C HIS A 25 0.96 0.80 5.69
N ALA A 26 1.49 -0.37 5.37
CA ALA A 26 1.35 -0.91 4.03
C ALA A 26 -0.09 -0.74 3.56
N MET A 27 -1.02 -1.25 4.35
CA MET A 27 -2.42 -1.15 4.02
C MET A 27 -2.83 0.31 3.80
N GLU A 28 -2.78 1.08 4.87
CA GLU A 28 -3.14 2.49 4.81
C GLU A 28 -2.46 3.15 3.60
N ALA A 29 -1.19 2.83 3.43
CA ALA A 29 -0.42 3.38 2.33
C ALA A 29 -1.20 3.21 1.03
N LEU A 30 -1.25 1.96 0.57
CA LEU A 30 -1.96 1.64 -0.66
C LEU A 30 -3.27 2.42 -0.70
N LEU A 31 -4.08 2.24 0.34
CA LEU A 31 -5.36 2.92 0.44
C LEU A 31 -5.15 4.42 0.19
N ASN A 32 -4.16 4.96 0.88
CA ASN A 32 -3.86 6.38 0.75
C ASN A 32 -3.48 6.68 -0.70
N THR A 33 -2.45 5.99 -1.16
CA THR A 33 -1.97 6.18 -2.53
C THR A 33 -2.97 5.57 -3.52
N SER A 34 -2.52 5.45 -4.76
CA SER A 34 -3.35 4.89 -5.81
C SER A 34 -2.57 3.83 -6.59
N THR A 35 -1.33 4.17 -6.91
CA THR A 35 -0.47 3.26 -7.65
C THR A 35 0.58 2.65 -6.72
N MET A 36 1.30 1.68 -7.27
CA MET A 36 2.34 1.01 -6.50
C MET A 36 3.52 1.94 -6.24
N GLU A 37 4.07 2.45 -7.32
CA GLU A 37 5.21 3.36 -7.23
C GLU A 37 5.03 4.31 -6.04
N GLN A 38 3.80 4.76 -5.85
CA GLN A 38 3.49 5.66 -4.76
C GLN A 38 3.55 4.92 -3.42
N ALA A 39 2.81 3.82 -3.36
CA ALA A 39 2.77 3.00 -2.16
C ALA A 39 4.18 2.91 -1.57
N THR A 40 5.16 2.89 -2.45
CA THR A 40 6.55 2.80 -2.03
C THR A 40 6.92 4.00 -1.17
N GLU A 41 6.88 5.18 -1.78
CA GLU A 41 7.21 6.40 -1.08
C GLU A 41 6.59 6.40 0.33
N TYR A 42 5.27 6.27 0.35
CA TYR A 42 4.55 6.25 1.62
C TYR A 42 5.30 5.41 2.66
N LEU A 43 5.71 4.23 2.24
CA LEU A 43 6.44 3.34 3.14
C LEU A 43 7.88 3.84 3.28
N LEU A 44 8.54 4.01 2.14
CA LEU A 44 9.91 4.49 2.13
C LEU A 44 10.07 5.57 3.20
N THR A 45 9.15 6.52 3.18
CA THR A 45 9.18 7.62 4.13
C THR A 45 9.08 7.09 5.56
N HIS A 46 8.04 6.29 5.79
CA HIS A 46 7.81 5.71 7.11
C HIS A 46 9.15 5.32 7.73
N PRO A 47 9.66 6.22 8.62
CA PRO A 47 10.93 5.97 9.30
C PRO A 47 10.77 4.91 10.39
N GLY A 1 -20.17 -9.85 -14.68
CA GLY A 1 -18.95 -10.25 -14.00
C GLY A 1 -18.97 -9.80 -12.54
N SER A 2 -18.26 -8.70 -12.28
CA SER A 2 -18.19 -8.15 -10.94
C SER A 2 -19.43 -7.32 -10.64
N SER A 3 -19.78 -7.27 -9.36
CA SER A 3 -20.95 -6.52 -8.94
C SER A 3 -20.62 -5.71 -7.68
N GLY A 4 -20.08 -4.52 -7.92
CA GLY A 4 -19.71 -3.63 -6.83
C GLY A 4 -18.70 -4.31 -5.89
N SER A 5 -18.61 -3.77 -4.69
CA SER A 5 -17.69 -4.31 -3.69
C SER A 5 -16.25 -4.19 -4.19
N SER A 6 -15.57 -3.15 -3.71
CA SER A 6 -14.20 -2.92 -4.11
C SER A 6 -13.33 -2.70 -2.87
N GLY A 7 -12.09 -3.15 -2.95
CA GLY A 7 -11.15 -3.00 -1.85
C GLY A 7 -9.73 -2.76 -2.36
N VAL A 8 -8.80 -2.70 -1.42
CA VAL A 8 -7.40 -2.47 -1.76
C VAL A 8 -6.90 -3.67 -2.58
N ASN A 9 -5.57 -3.74 -2.68
CA ASN A 9 -4.94 -4.82 -3.42
C ASN A 9 -3.84 -5.44 -2.57
N GLN A 10 -3.93 -6.77 -2.42
CA GLN A 10 -2.95 -7.49 -1.64
C GLN A 10 -1.59 -7.48 -2.33
N GLN A 11 -1.63 -7.50 -3.66
CA GLN A 11 -0.42 -7.48 -4.46
C GLN A 11 0.60 -6.50 -3.86
N GLN A 12 0.30 -5.22 -4.01
CA GLN A 12 1.17 -4.18 -3.49
C GLN A 12 1.50 -4.46 -2.02
N LEU A 13 0.46 -4.73 -1.25
CA LEU A 13 0.62 -5.01 0.16
C LEU A 13 1.80 -5.95 0.36
N GLN A 14 1.62 -7.19 -0.10
CA GLN A 14 2.67 -8.19 0.01
C GLN A 14 3.97 -7.68 -0.61
N GLN A 15 3.85 -7.23 -1.85
CA GLN A 15 5.00 -6.72 -2.57
C GLN A 15 5.85 -5.84 -1.66
N LEU A 16 5.19 -4.85 -1.07
CA LEU A 16 5.87 -3.94 -0.16
C LEU A 16 6.25 -4.67 1.12
N MET A 17 5.23 -5.18 1.80
CA MET A 17 5.44 -5.89 3.04
C MET A 17 6.70 -6.75 2.97
N ASP A 18 6.88 -7.39 1.82
CA ASP A 18 8.04 -8.23 1.61
C ASP A 18 9.31 -7.43 1.89
N MET A 19 9.40 -6.27 1.24
CA MET A 19 10.56 -5.41 1.41
C MET A 19 10.94 -5.29 2.89
N GLY A 20 9.93 -5.41 3.74
CA GLY A 20 10.14 -5.31 5.17
C GLY A 20 9.39 -4.13 5.76
N PHE A 21 8.06 -4.23 5.72
CA PHE A 21 7.22 -3.17 6.25
C PHE A 21 6.08 -3.75 7.10
N THR A 22 5.33 -2.85 7.70
CA THR A 22 4.21 -3.25 8.55
C THR A 22 2.90 -3.22 7.74
N ARG A 23 2.16 -4.32 7.84
CA ARG A 23 0.90 -4.43 7.13
C ARG A 23 0.03 -3.21 7.40
N GLU A 24 0.06 -2.76 8.64
CA GLU A 24 -0.72 -1.59 9.03
C GLU A 24 -0.47 -0.44 8.07
N HIS A 25 0.77 0.02 8.05
CA HIS A 25 1.16 1.12 7.18
C HIS A 25 0.95 0.71 5.72
N ALA A 26 1.48 -0.46 5.38
CA ALA A 26 1.36 -0.98 4.02
C ALA A 26 -0.08 -0.80 3.54
N MET A 27 -1.01 -1.25 4.37
CA MET A 27 -2.42 -1.14 4.04
C MET A 27 -2.82 0.31 3.79
N GLU A 28 -2.63 1.13 4.82
CA GLU A 28 -2.96 2.54 4.72
C GLU A 28 -2.27 3.17 3.52
N ALA A 29 -1.02 2.79 3.33
CA ALA A 29 -0.23 3.31 2.22
C ALA A 29 -1.05 3.19 0.93
N LEU A 30 -1.24 1.96 0.50
CA LEU A 30 -1.99 1.69 -0.71
C LEU A 30 -3.26 2.56 -0.71
N LEU A 31 -4.12 2.30 0.26
CA LEU A 31 -5.36 3.04 0.39
C LEU A 31 -5.10 4.52 0.08
N ASN A 32 -4.21 5.11 0.86
CA ASN A 32 -3.87 6.50 0.69
C ASN A 32 -3.42 6.74 -0.76
N THR A 33 -2.42 5.99 -1.17
CA THR A 33 -1.90 6.10 -2.52
C THR A 33 -2.92 5.58 -3.53
N SER A 34 -2.44 5.37 -4.75
CA SER A 34 -3.30 4.87 -5.82
C SER A 34 -2.55 3.81 -6.63
N THR A 35 -1.31 4.14 -6.97
CA THR A 35 -0.49 3.23 -7.76
C THR A 35 0.50 2.50 -6.85
N MET A 36 1.27 1.62 -7.46
CA MET A 36 2.26 0.85 -6.72
C MET A 36 3.41 1.74 -6.24
N GLU A 37 4.01 2.43 -7.20
CA GLU A 37 5.13 3.32 -6.89
C GLU A 37 4.82 4.13 -5.63
N GLN A 38 3.73 4.88 -5.68
CA GLN A 38 3.31 5.69 -4.56
C GLN A 38 3.46 4.91 -3.25
N ALA A 39 2.83 3.74 -3.23
CA ALA A 39 2.88 2.89 -2.05
C ALA A 39 4.30 2.91 -1.48
N THR A 40 5.26 2.58 -2.32
CA THR A 40 6.65 2.56 -1.91
C THR A 40 6.99 3.82 -1.13
N GLU A 41 6.80 4.96 -1.79
CA GLU A 41 7.08 6.24 -1.17
C GLU A 41 6.50 6.29 0.24
N TYR A 42 5.19 6.15 0.31
CA TYR A 42 4.49 6.17 1.58
C TYR A 42 5.27 5.39 2.65
N LEU A 43 5.56 4.14 2.31
CA LEU A 43 6.30 3.28 3.23
C LEU A 43 7.70 3.85 3.43
N LEU A 44 8.28 4.31 2.33
CA LEU A 44 9.62 4.87 2.37
C LEU A 44 9.66 6.03 3.38
N THR A 45 8.72 6.96 3.19
CA THR A 45 8.63 8.11 4.07
C THR A 45 8.39 7.67 5.51
N HIS A 46 7.47 6.73 5.66
CA HIS A 46 7.13 6.20 6.97
C HIS A 46 7.27 4.69 6.98
N PRO A 47 8.50 4.22 7.34
CA PRO A 47 8.77 2.79 7.40
C PRO A 47 8.12 2.15 8.62
N GLY A 1 -5.25 11.58 -3.66
CA GLY A 1 -6.57 12.09 -3.97
C GLY A 1 -7.44 11.01 -4.63
N SER A 2 -8.25 10.35 -3.82
CA SER A 2 -9.11 9.29 -4.31
C SER A 2 -10.31 9.13 -3.38
N SER A 3 -11.40 9.80 -3.72
CA SER A 3 -12.61 9.74 -2.93
C SER A 3 -13.34 8.42 -3.20
N GLY A 4 -14.02 7.94 -2.16
CA GLY A 4 -14.77 6.69 -2.28
C GLY A 4 -13.86 5.56 -2.77
N SER A 5 -13.43 4.74 -1.82
CA SER A 5 -12.57 3.62 -2.12
C SER A 5 -12.97 2.40 -1.29
N SER A 6 -12.87 1.24 -1.92
CA SER A 6 -13.24 -0.01 -1.26
C SER A 6 -12.39 -1.15 -1.81
N GLY A 7 -11.97 -2.03 -0.91
CA GLY A 7 -11.17 -3.17 -1.30
C GLY A 7 -9.83 -2.73 -1.88
N VAL A 8 -8.76 -3.26 -1.31
CA VAL A 8 -7.42 -2.93 -1.75
C VAL A 8 -6.86 -4.09 -2.58
N ASN A 9 -5.56 -4.02 -2.83
CA ASN A 9 -4.89 -5.05 -3.61
C ASN A 9 -3.76 -5.64 -2.79
N GLN A 10 -3.88 -6.93 -2.49
CA GLN A 10 -2.87 -7.63 -1.71
C GLN A 10 -1.49 -7.49 -2.38
N GLN A 11 -1.51 -7.59 -3.70
CA GLN A 11 -0.27 -7.48 -4.46
C GLN A 11 0.63 -6.39 -3.86
N GLN A 12 0.21 -5.15 -4.07
CA GLN A 12 0.96 -4.02 -3.55
C GLN A 12 1.33 -4.24 -2.09
N LEU A 13 0.35 -4.75 -1.34
CA LEU A 13 0.56 -5.01 0.07
C LEU A 13 1.72 -6.00 0.24
N GLN A 14 1.49 -7.22 -0.19
CA GLN A 14 2.51 -8.27 -0.09
C GLN A 14 3.81 -7.77 -0.70
N GLN A 15 3.70 -7.21 -1.89
CA GLN A 15 4.86 -6.70 -2.61
C GLN A 15 5.73 -5.86 -1.66
N LEU A 16 5.09 -4.91 -1.01
CA LEU A 16 5.78 -4.03 -0.08
C LEU A 16 6.17 -4.83 1.16
N MET A 17 5.16 -5.40 1.80
CA MET A 17 5.38 -6.18 3.01
C MET A 17 6.66 -7.02 2.88
N ASP A 18 6.91 -7.49 1.67
CA ASP A 18 8.08 -8.31 1.41
C ASP A 18 9.34 -7.48 1.68
N MET A 19 9.38 -6.30 1.06
CA MET A 19 10.51 -5.41 1.23
C MET A 19 10.90 -5.28 2.70
N GLY A 20 9.88 -5.35 3.55
CA GLY A 20 10.11 -5.24 4.98
C GLY A 20 9.33 -4.05 5.56
N PHE A 21 8.01 -4.17 5.54
CA PHE A 21 7.15 -3.12 6.06
C PHE A 21 6.02 -3.71 6.90
N THR A 22 5.39 -2.83 7.68
CA THR A 22 4.30 -3.25 8.53
C THR A 22 2.98 -3.21 7.76
N ARG A 23 2.20 -4.27 7.91
CA ARG A 23 0.92 -4.38 7.24
C ARG A 23 0.13 -3.08 7.42
N GLU A 24 -0.02 -2.70 8.68
CA GLU A 24 -0.76 -1.48 9.00
C GLU A 24 -0.46 -0.39 7.98
N HIS A 25 0.78 0.07 8.00
CA HIS A 25 1.20 1.12 7.08
C HIS A 25 0.91 0.69 5.65
N ALA A 26 1.37 -0.51 5.32
CA ALA A 26 1.18 -1.05 3.99
C ALA A 26 -0.26 -0.79 3.54
N MET A 27 -1.19 -1.13 4.43
CA MET A 27 -2.60 -0.93 4.13
C MET A 27 -2.91 0.55 3.90
N GLU A 28 -2.63 1.35 4.92
CA GLU A 28 -2.88 2.78 4.84
C GLU A 28 -2.20 3.37 3.60
N ALA A 29 -1.03 2.82 3.29
CA ALA A 29 -0.28 3.27 2.13
C ALA A 29 -1.15 3.14 0.88
N LEU A 30 -1.39 1.89 0.49
CA LEU A 30 -2.20 1.61 -0.68
C LEU A 30 -3.42 2.52 -0.68
N LEU A 31 -4.22 2.39 0.37
CA LEU A 31 -5.43 3.19 0.51
C LEU A 31 -5.11 4.64 0.11
N ASN A 32 -4.23 5.25 0.89
CA ASN A 32 -3.84 6.63 0.63
C ASN A 32 -3.40 6.77 -0.83
N THR A 33 -2.44 5.93 -1.21
CA THR A 33 -1.92 5.95 -2.56
C THR A 33 -2.88 5.21 -3.50
N SER A 34 -2.31 4.75 -4.61
CA SER A 34 -3.10 4.03 -5.60
C SER A 34 -2.26 2.90 -6.21
N THR A 35 -1.04 3.26 -6.58
CA THR A 35 -0.13 2.29 -7.18
C THR A 35 1.11 2.12 -6.31
N MET A 36 1.98 1.21 -6.74
CA MET A 36 3.20 0.94 -6.02
C MET A 36 4.10 2.18 -5.95
N GLU A 37 4.38 2.74 -7.12
CA GLU A 37 5.21 3.93 -7.21
C GLU A 37 4.88 4.89 -6.06
N GLN A 38 3.60 4.99 -5.78
CA GLN A 38 3.15 5.87 -4.70
C GLN A 38 3.27 5.16 -3.35
N ALA A 39 2.75 3.94 -3.31
CA ALA A 39 2.79 3.15 -2.10
C ALA A 39 4.21 3.18 -1.51
N THR A 40 5.17 2.87 -2.37
CA THR A 40 6.56 2.85 -1.97
C THR A 40 6.89 4.11 -1.15
N GLU A 41 6.70 5.26 -1.79
CA GLU A 41 6.97 6.53 -1.15
C GLU A 41 6.43 6.53 0.28
N TYR A 42 5.12 6.40 0.38
CA TYR A 42 4.45 6.38 1.68
C TYR A 42 5.27 5.58 2.69
N LEU A 43 5.54 4.33 2.35
CA LEU A 43 6.31 3.46 3.22
C LEU A 43 7.72 4.02 3.38
N LEU A 44 8.27 4.47 2.26
CA LEU A 44 9.61 5.03 2.25
C LEU A 44 9.69 6.17 3.28
N THR A 45 8.76 7.11 3.14
CA THR A 45 8.70 8.24 4.03
C THR A 45 8.48 7.78 5.47
N HIS A 46 7.68 6.74 5.61
CA HIS A 46 7.38 6.19 6.92
C HIS A 46 7.49 4.67 6.88
N PRO A 47 8.73 4.18 7.18
CA PRO A 47 8.99 2.75 7.18
C PRO A 47 8.40 2.09 8.42
#